data_1AVA
#
_entry.id   1AVA
#
_cell.length_a   74.500
_cell.length_b   96.180
_cell.length_c   170.150
_cell.angle_alpha   90.00
_cell.angle_beta   90.00
_cell.angle_gamma   90.00
#
_symmetry.space_group_name_H-M   'P 21 21 21'
#
loop_
_entity.id
_entity.type
_entity.pdbx_description
1 polymer 'BARLEY ALPHA-AMYLASE 2(CV MENUET)'
2 polymer 'BARLEY ALPHA-AMYLASE/SUBTILISIN INHIBITOR'
3 non-polymer 'CALCIUM ION'
4 water water
#
loop_
_entity_poly.entity_id
_entity_poly.type
_entity_poly.pdbx_seq_one_letter_code
_entity_poly.pdbx_strand_id
1 'polypeptide(L)'
;QVLFQGFNWESWKHNGGWYNFLMGKVDDIAAAGITHVWLPPASQSVAEQGYMPGRLYDLDASKYGNKAQLKSLIGALHGK
GVKAIADIVINHRTAEHKDGRGIYCIFEGGTPDARLDWGPHMICRDDRPYADGTGNPDTGADFGAAPDIDHLNLRVQKEL
VEWLNWLKADIGFDGWRFDFAKGYSADVAKIYIDRSEPSFAVAEIWTSLAYGGDGKPNLNQDQHRQELVNWVDKVGGKGP
ATTFDFTTKGILNVAVEGELWRLRGTDGKAPGMIGWWPAKAVTFVDNHDTGSTQHMWPFPSDRVMQGYAYILTHPGTPCI
FYDHFFDWGLKEEIDRLVSVRTRHGIHNESKLQIIEADADLYLAEIDGKVIVKLGPRYDVGNLIPGGFKVAAHGNDYAVW
EKI
;
A,B
2 'polypeptide(L)'
;ADPPPVHDTDGHELRADANYYVLSANRAHGGGLTMAPGHGRHCPLFVSQDPNGQHDGFPVRITPYGVAPSDKIIRLSTDV
RISFRAYTTCLQSTEWHIDSELAAGRRHVITGPVKDPSPSGRENAFRIEKYSGAEVHEYKLMSCGDWCQDLGVFRDLKGG
AWFLGATEPYHVVVFKKAPPA
;
C,D
#
loop_
_chem_comp.id
_chem_comp.type
_chem_comp.name
_chem_comp.formula
CA non-polymer 'CALCIUM ION' 'Ca 2'
#
# COMPACT_ATOMS: atom_id res chain seq x y z
N GLN A 1 11.58 -2.74 33.02
CA GLN A 1 12.20 -4.02 32.60
C GLN A 1 13.41 -3.76 31.69
N VAL A 2 14.50 -4.48 31.93
CA VAL A 2 15.68 -4.32 31.10
C VAL A 2 16.20 -5.71 30.79
N LEU A 3 16.49 -5.96 29.51
CA LEU A 3 17.01 -7.26 29.08
C LEU A 3 18.52 -7.32 29.07
N PHE A 4 19.06 -8.52 29.12
CA PHE A 4 20.49 -8.71 29.08
C PHE A 4 20.74 -9.92 28.19
N GLN A 5 21.60 -9.80 27.19
CA GLN A 5 21.91 -10.96 26.35
C GLN A 5 23.09 -11.57 27.06
N GLY A 6 22.91 -12.79 27.57
CA GLY A 6 23.96 -13.45 28.31
C GLY A 6 24.93 -14.36 27.61
N PHE A 7 25.33 -14.00 26.39
CA PHE A 7 26.29 -14.78 25.63
C PHE A 7 26.74 -13.98 24.43
N ASN A 8 27.77 -14.47 23.77
CA ASN A 8 28.27 -13.85 22.55
C ASN A 8 28.55 -14.98 21.58
N TRP A 9 29.14 -14.66 20.44
CA TRP A 9 29.43 -15.65 19.43
C TRP A 9 30.53 -16.64 19.85
N GLU A 10 31.31 -16.28 20.86
CA GLU A 10 32.39 -17.13 21.34
C GLU A 10 32.09 -17.94 22.61
N SER A 11 30.94 -17.70 23.23
CA SER A 11 30.59 -18.39 24.47
C SER A 11 30.68 -19.90 24.47
N TRP A 12 30.29 -20.53 23.36
CA TRP A 12 30.33 -21.98 23.28
C TRP A 12 31.71 -22.61 23.51
N LYS A 13 32.77 -21.81 23.31
CA LYS A 13 34.15 -22.29 23.48
C LYS A 13 34.65 -22.22 24.91
N HIS A 14 33.87 -21.62 25.79
CA HIS A 14 34.31 -21.44 27.16
C HIS A 14 34.71 -22.70 27.92
N ASN A 15 35.90 -22.65 28.50
CA ASN A 15 36.44 -23.76 29.28
C ASN A 15 35.56 -24.04 30.51
N GLY A 16 34.97 -25.22 30.54
CA GLY A 16 34.14 -25.59 31.68
C GLY A 16 32.66 -25.34 31.53
N GLY A 17 32.20 -25.02 30.33
CA GLY A 17 30.79 -24.77 30.12
C GLY A 17 30.38 -23.34 30.39
N TRP A 18 29.55 -22.82 29.51
CA TRP A 18 29.07 -21.46 29.63
C TRP A 18 28.07 -21.33 30.77
N TYR A 19 27.17 -22.31 30.91
CA TYR A 19 26.18 -22.25 32.00
C TYR A 19 26.90 -22.14 33.34
N ASN A 20 27.94 -22.96 33.50
CA ASN A 20 28.75 -22.97 34.70
C ASN A 20 29.37 -21.61 34.98
N PHE A 21 29.99 -21.02 33.96
CA PHE A 21 30.62 -19.71 34.08
C PHE A 21 29.61 -18.64 34.47
N LEU A 22 28.45 -18.67 33.82
CA LEU A 22 27.40 -17.68 34.08
C LEU A 22 26.92 -17.71 35.52
N MET A 23 27.03 -18.85 36.19
CA MET A 23 26.63 -18.96 37.59
C MET A 23 27.36 -17.90 38.44
N GLY A 24 28.61 -17.63 38.09
CA GLY A 24 29.39 -16.65 38.82
C GLY A 24 29.07 -15.22 38.48
N LYS A 25 28.19 -15.03 37.51
CA LYS A 25 27.80 -13.69 37.09
C LYS A 25 26.40 -13.29 37.57
N VAL A 26 25.63 -14.24 38.10
CA VAL A 26 24.26 -13.94 38.52
C VAL A 26 24.09 -12.91 39.64
N ASP A 27 25.00 -12.85 40.60
CA ASP A 27 24.88 -11.85 41.66
C ASP A 27 24.99 -10.47 41.03
N ASP A 28 25.99 -10.29 40.18
CA ASP A 28 26.22 -9.04 39.48
C ASP A 28 25.08 -8.68 38.53
N ILE A 29 24.56 -9.68 37.83
CA ILE A 29 23.46 -9.46 36.89
C ILE A 29 22.23 -9.00 37.64
N ALA A 30 21.88 -9.69 38.72
CA ALA A 30 20.68 -9.33 39.46
C ALA A 30 20.82 -7.99 40.15
N ALA A 31 22.00 -7.71 40.68
CA ALA A 31 22.24 -6.45 41.38
C ALA A 31 22.17 -5.21 40.47
N ALA A 32 22.49 -5.37 39.19
CA ALA A 32 22.45 -4.25 38.26
C ALA A 32 21.03 -3.76 37.95
N GLY A 33 20.03 -4.59 38.20
CA GLY A 33 18.66 -4.20 37.91
C GLY A 33 18.12 -4.88 36.67
N ILE A 34 18.82 -5.90 36.19
CA ILE A 34 18.37 -6.65 35.02
C ILE A 34 17.17 -7.53 35.38
N THR A 35 16.15 -7.51 34.54
CA THR A 35 14.96 -8.30 34.82
C THR A 35 14.79 -9.56 33.98
N HIS A 36 15.48 -9.65 32.84
CA HIS A 36 15.37 -10.79 31.95
C HIS A 36 16.71 -11.12 31.30
N VAL A 37 17.11 -12.39 31.33
CA VAL A 37 18.36 -12.83 30.72
C VAL A 37 18.02 -13.72 29.52
N TRP A 38 18.57 -13.35 28.36
CA TRP A 38 18.36 -14.06 27.12
C TRP A 38 19.51 -15.06 27.00
N LEU A 39 19.15 -16.34 27.05
CA LEU A 39 20.13 -17.43 26.95
C LEU A 39 20.21 -17.97 25.52
N PRO A 40 21.36 -18.55 25.15
CA PRO A 40 21.57 -19.10 23.81
C PRO A 40 20.71 -20.32 23.49
N PRO A 41 20.61 -20.69 22.19
CA PRO A 41 19.80 -21.87 21.81
C PRO A 41 20.37 -23.06 22.57
N ALA A 42 19.51 -23.75 23.32
CA ALA A 42 19.91 -24.87 24.17
C ALA A 42 20.09 -26.29 23.59
N SER A 43 19.39 -26.62 22.51
CA SER A 43 19.47 -27.97 21.95
C SER A 43 20.69 -28.34 21.13
N GLN A 44 20.75 -29.61 20.76
CA GLN A 44 21.82 -30.14 19.93
C GLN A 44 21.82 -29.35 18.62
N SER A 45 22.99 -29.07 18.07
CA SER A 45 23.08 -28.31 16.83
C SER A 45 24.34 -28.65 16.05
N VAL A 46 24.24 -28.72 14.73
CA VAL A 46 25.39 -29.02 13.88
C VAL A 46 26.42 -27.90 14.02
N ALA A 47 25.93 -26.66 14.10
CA ALA A 47 26.81 -25.50 14.30
C ALA A 47 26.87 -25.33 15.80
N GLU A 48 28.09 -25.19 16.31
CA GLU A 48 28.34 -25.07 17.73
C GLU A 48 27.58 -24.01 18.52
N GLN A 49 27.28 -22.87 17.90
CA GLN A 49 26.59 -21.79 18.59
C GLN A 49 25.11 -22.10 18.85
N GLY A 50 24.63 -23.18 18.21
CA GLY A 50 23.26 -23.63 18.39
C GLY A 50 22.21 -23.18 17.41
N TYR A 51 22.57 -22.44 16.38
CA TYR A 51 21.57 -21.95 15.44
C TYR A 51 21.16 -22.88 14.31
N MET A 52 21.60 -24.13 14.40
CA MET A 52 21.26 -25.15 13.41
C MET A 52 20.83 -26.38 14.22
N PRO A 53 19.77 -26.23 15.03
CA PRO A 53 19.25 -27.31 15.88
C PRO A 53 18.77 -28.58 15.18
N GLY A 54 19.04 -29.72 15.82
CA GLY A 54 18.61 -31.00 15.27
C GLY A 54 17.62 -31.64 16.23
N ARG A 55 18.17 -32.30 17.26
CA ARG A 55 17.37 -32.98 18.28
C ARG A 55 16.94 -31.96 19.33
N LEU A 56 15.80 -31.32 19.06
CA LEU A 56 15.25 -30.30 19.93
C LEU A 56 15.17 -30.62 21.42
N TYR A 57 14.90 -31.88 21.77
CA TYR A 57 14.81 -32.26 23.18
C TYR A 57 16.17 -32.59 23.81
N ASP A 58 17.20 -32.76 22.98
CA ASP A 58 18.51 -33.10 23.51
C ASP A 58 19.33 -31.88 23.95
N LEU A 59 19.16 -31.49 25.22
CA LEU A 59 19.88 -30.35 25.76
C LEU A 59 21.27 -30.75 26.25
N ASP A 60 21.44 -32.03 26.54
CA ASP A 60 22.73 -32.50 27.04
C ASP A 60 23.86 -32.43 26.03
N ALA A 61 23.51 -32.37 24.74
CA ALA A 61 24.49 -32.30 23.65
C ALA A 61 24.99 -30.88 23.31
N SER A 62 24.42 -29.87 23.95
CA SER A 62 24.80 -28.48 23.73
C SER A 62 26.26 -28.18 24.16
N LYS A 63 26.91 -27.26 23.44
CA LYS A 63 28.28 -26.85 23.76
C LYS A 63 28.26 -25.93 24.98
N TYR A 64 27.10 -25.39 25.30
CA TYR A 64 26.97 -24.48 26.43
C TYR A 64 26.90 -25.21 27.78
N GLY A 65 26.58 -26.50 27.74
CA GLY A 65 26.47 -27.27 28.96
C GLY A 65 25.31 -28.22 28.83
N ASN A 66 24.97 -28.91 29.92
CA ASN A 66 23.88 -29.87 29.89
C ASN A 66 22.60 -29.36 30.55
N LYS A 67 21.58 -30.22 30.55
CA LYS A 67 20.27 -29.91 31.12
C LYS A 67 20.33 -29.58 32.61
N ALA A 68 21.11 -30.33 33.37
CA ALA A 68 21.25 -30.10 34.80
C ALA A 68 21.77 -28.70 35.05
N GLN A 69 22.88 -28.36 34.39
CA GLN A 69 23.50 -27.04 34.53
C GLN A 69 22.54 -25.93 34.11
N LEU A 70 21.77 -26.16 33.05
CA LEU A 70 20.82 -25.14 32.60
C LEU A 70 19.77 -24.92 33.67
N LYS A 71 19.20 -26.00 34.20
CA LYS A 71 18.16 -25.88 35.23
C LYS A 71 18.65 -25.18 36.49
N SER A 72 19.89 -25.45 36.89
CA SER A 72 20.44 -24.78 38.07
C SER A 72 20.58 -23.29 37.80
N LEU A 73 21.08 -22.94 36.61
CA LEU A 73 21.24 -21.53 36.23
C LEU A 73 19.90 -20.80 36.30
N ILE A 74 18.88 -21.37 35.65
CA ILE A 74 17.57 -20.75 35.67
C ILE A 74 17.05 -20.69 37.11
N GLY A 75 17.34 -21.72 37.88
CA GLY A 75 16.89 -21.76 39.27
C GLY A 75 17.49 -20.61 40.05
N ALA A 76 18.78 -20.37 39.84
CA ALA A 76 19.47 -19.27 40.52
C ALA A 76 18.92 -17.93 40.07
N LEU A 77 18.63 -17.78 38.78
CA LEU A 77 18.09 -16.52 38.29
C LEU A 77 16.70 -16.26 38.88
N HIS A 78 15.84 -17.27 38.84
CA HIS A 78 14.48 -17.17 39.37
C HIS A 78 14.51 -16.78 40.85
N GLY A 79 15.38 -17.42 41.62
CA GLY A 79 15.51 -17.10 43.03
C GLY A 79 15.84 -15.62 43.20
N LYS A 80 16.73 -15.13 42.34
CA LYS A 80 17.13 -13.71 42.36
C LYS A 80 15.98 -12.82 41.90
N GLY A 81 14.98 -13.42 41.28
CA GLY A 81 13.85 -12.66 40.79
C GLY A 81 13.97 -12.28 39.32
N VAL A 82 14.90 -12.86 38.58
CA VAL A 82 15.01 -12.53 37.17
C VAL A 82 14.50 -13.66 36.26
N LYS A 83 13.85 -13.29 35.16
CA LYS A 83 13.29 -14.25 34.23
C LYS A 83 14.34 -14.69 33.23
N ALA A 84 14.12 -15.84 32.63
CA ALA A 84 15.03 -16.40 31.65
C ALA A 84 14.25 -16.60 30.36
N ILE A 85 14.82 -16.18 29.24
CA ILE A 85 14.14 -16.35 27.97
C ILE A 85 15.03 -17.19 27.05
N ALA A 86 14.42 -18.15 26.37
CA ALA A 86 15.15 -19.03 25.48
C ALA A 86 15.20 -18.54 24.05
N ASP A 87 16.29 -18.85 23.37
CA ASP A 87 16.44 -18.48 21.99
C ASP A 87 15.79 -19.63 21.20
N ILE A 88 14.64 -19.35 20.60
CA ILE A 88 13.86 -20.37 19.87
C ILE A 88 14.13 -20.33 18.37
N VAL A 89 14.82 -21.36 17.89
CA VAL A 89 15.19 -21.47 16.49
C VAL A 89 14.29 -22.51 15.83
N ILE A 90 13.20 -22.06 15.23
CA ILE A 90 12.27 -22.97 14.58
C ILE A 90 11.96 -22.70 13.10
N ASN A 91 12.67 -21.78 12.46
CA ASN A 91 12.40 -21.57 11.04
C ASN A 91 12.98 -22.75 10.27
N HIS A 92 14.12 -23.23 10.73
CA HIS A 92 14.83 -24.32 10.10
C HIS A 92 15.27 -25.35 11.12
N ARG A 93 15.69 -26.51 10.63
CA ARG A 93 16.11 -27.59 11.51
C ARG A 93 17.04 -28.49 10.70
N THR A 94 18.00 -29.13 11.36
CA THR A 94 18.90 -30.03 10.67
C THR A 94 18.43 -31.48 10.92
N ALA A 95 18.52 -32.31 9.88
CA ALA A 95 18.09 -33.71 9.97
C ALA A 95 19.16 -34.64 10.50
N GLU A 96 18.71 -35.67 11.19
CA GLU A 96 19.59 -36.65 11.80
C GLU A 96 20.03 -37.75 10.82
N HIS A 97 19.15 -38.15 9.91
CA HIS A 97 19.47 -39.23 8.98
C HIS A 97 19.19 -38.94 7.50
N LYS A 98 19.77 -39.77 6.64
CA LYS A 98 19.60 -39.69 5.19
C LYS A 98 18.42 -40.59 4.79
N ASP A 99 17.63 -40.15 3.83
CA ASP A 99 16.49 -40.96 3.36
C ASP A 99 16.96 -41.78 2.16
N GLY A 100 16.01 -42.34 1.42
CA GLY A 100 16.36 -43.14 0.25
C GLY A 100 17.21 -42.41 -0.78
N ARG A 101 16.91 -41.13 -1.00
CA ARG A 101 17.64 -40.31 -1.96
C ARG A 101 19.02 -39.90 -1.47
N GLY A 102 19.36 -40.30 -0.24
CA GLY A 102 20.65 -39.95 0.32
C GLY A 102 20.69 -38.51 0.80
N ILE A 103 19.51 -37.95 1.01
CA ILE A 103 19.38 -36.57 1.48
C ILE A 103 19.14 -36.60 2.99
N TYR A 104 19.80 -35.68 3.69
CA TYR A 104 19.63 -35.56 5.12
C TYR A 104 18.32 -34.83 5.36
N CYS A 105 17.24 -35.62 5.48
CA CYS A 105 15.92 -35.06 5.68
C CYS A 105 15.07 -35.85 6.68
N ILE A 106 15.67 -36.80 7.39
CA ILE A 106 14.94 -37.56 8.39
C ILE A 106 15.31 -37.00 9.77
N PHE A 107 14.34 -36.39 10.43
CA PHE A 107 14.58 -35.76 11.73
C PHE A 107 14.43 -36.67 12.94
N GLU A 108 14.95 -36.22 14.08
CA GLU A 108 14.90 -36.95 15.34
C GLU A 108 14.75 -35.93 16.45
N GLY A 109 13.70 -36.07 17.26
CA GLY A 109 13.45 -35.13 18.34
C GLY A 109 14.37 -35.20 19.55
N GLY A 110 14.96 -36.36 19.81
CA GLY A 110 15.83 -36.48 20.96
C GLY A 110 15.22 -37.32 22.09
N THR A 111 14.03 -37.87 21.83
CA THR A 111 13.34 -38.71 22.80
C THR A 111 13.25 -40.08 22.13
N PRO A 112 13.06 -41.15 22.93
CA PRO A 112 12.97 -42.50 22.36
C PRO A 112 11.69 -42.74 21.53
N ASP A 113 10.68 -41.92 21.74
CA ASP A 113 9.42 -42.03 21.01
C ASP A 113 9.46 -41.25 19.69
N ALA A 114 8.29 -40.99 19.11
CA ALA A 114 8.24 -40.27 17.83
C ALA A 114 8.07 -38.76 17.90
N ARG A 115 8.30 -38.17 19.06
CA ARG A 115 8.15 -36.72 19.17
C ARG A 115 9.20 -36.03 18.31
N LEU A 116 8.73 -35.18 17.41
CA LEU A 116 9.57 -34.42 16.49
C LEU A 116 10.22 -35.27 15.40
N ASP A 117 9.85 -36.55 15.32
CA ASP A 117 10.41 -37.47 14.32
C ASP A 117 9.71 -37.30 12.97
N TRP A 118 10.00 -36.19 12.30
CA TRP A 118 9.41 -35.86 11.01
C TRP A 118 10.23 -36.39 9.85
N GLY A 119 9.73 -36.15 8.63
CA GLY A 119 10.44 -36.58 7.43
C GLY A 119 10.39 -35.46 6.41
N PRO A 120 10.83 -35.68 5.16
CA PRO A 120 10.80 -34.62 4.14
C PRO A 120 9.42 -34.03 3.86
N HIS A 121 8.37 -34.62 4.40
CA HIS A 121 7.02 -34.08 4.18
C HIS A 121 6.82 -32.83 5.01
N MET A 122 7.57 -32.71 6.10
CA MET A 122 7.47 -31.54 6.97
C MET A 122 8.34 -30.36 6.51
N ILE A 123 9.15 -30.60 5.48
CA ILE A 123 10.03 -29.58 4.92
C ILE A 123 9.24 -28.77 3.89
N CYS A 124 9.48 -27.46 3.83
CA CYS A 124 8.78 -26.59 2.89
C CYS A 124 8.88 -27.11 1.47
N ARG A 125 7.77 -27.01 0.76
CA ARG A 125 7.65 -27.52 -0.61
C ARG A 125 8.82 -27.32 -1.55
N ASP A 126 9.24 -26.07 -1.73
CA ASP A 126 10.31 -25.73 -2.67
C ASP A 126 11.72 -25.62 -2.13
N ASP A 127 11.94 -26.11 -0.91
CA ASP A 127 13.27 -26.04 -0.34
C ASP A 127 14.11 -27.23 -0.79
N ARG A 128 14.71 -27.08 -1.96
CA ARG A 128 15.55 -28.09 -2.59
C ARG A 128 16.98 -28.02 -2.03
N PRO A 129 17.66 -29.17 -1.95
CA PRO A 129 17.22 -30.52 -2.32
C PRO A 129 16.48 -31.31 -1.25
N TYR A 130 16.39 -30.76 -0.05
CA TYR A 130 15.77 -31.40 1.10
C TYR A 130 14.32 -31.86 0.98
N ALA A 131 13.47 -30.95 0.50
CA ALA A 131 12.04 -31.23 0.37
C ALA A 131 11.71 -32.33 -0.62
N ASP A 132 10.57 -32.97 -0.41
CA ASP A 132 10.14 -34.02 -1.32
C ASP A 132 9.00 -33.46 -2.15
N GLY A 133 8.80 -32.14 -2.04
CA GLY A 133 7.76 -31.49 -2.81
C GLY A 133 6.32 -31.72 -2.36
N THR A 134 6.13 -32.42 -1.26
CA THR A 134 4.79 -32.68 -0.77
C THR A 134 4.32 -31.70 0.31
N GLY A 135 5.25 -31.02 0.95
CA GLY A 135 4.84 -30.08 1.98
C GLY A 135 4.28 -28.82 1.38
N ASN A 136 3.86 -27.91 2.24
CA ASN A 136 3.30 -26.62 1.82
C ASN A 136 4.44 -25.65 1.54
N PRO A 137 4.18 -24.65 0.70
CA PRO A 137 5.25 -23.69 0.43
C PRO A 137 5.55 -22.87 1.68
N ASP A 138 6.79 -22.38 1.77
CA ASP A 138 7.24 -21.59 2.90
C ASP A 138 6.38 -20.36 3.11
N THR A 139 6.00 -20.09 4.36
CA THR A 139 5.19 -18.92 4.71
C THR A 139 6.06 -17.66 4.84
N GLY A 140 7.37 -17.81 4.79
CA GLY A 140 8.26 -16.67 4.92
C GLY A 140 9.55 -16.94 4.18
N ALA A 141 10.59 -16.21 4.54
CA ALA A 141 11.87 -16.37 3.89
C ALA A 141 12.49 -17.72 4.14
N ASP A 142 13.34 -18.15 3.20
CA ASP A 142 14.06 -19.41 3.32
C ASP A 142 15.37 -19.14 4.03
N PHE A 143 15.88 -20.13 4.73
CA PHE A 143 17.17 -20.00 5.37
C PHE A 143 17.96 -20.96 4.51
N GLY A 144 18.96 -20.43 3.83
CA GLY A 144 19.77 -21.22 2.91
C GLY A 144 20.51 -22.45 3.39
N ALA A 145 21.18 -22.38 4.53
CA ALA A 145 21.97 -23.51 5.01
C ALA A 145 21.25 -24.75 5.54
N ALA A 146 19.93 -24.73 5.71
CA ALA A 146 19.24 -25.89 6.26
C ALA A 146 17.80 -25.99 5.80
N PRO A 147 17.17 -27.16 6.03
CA PRO A 147 15.77 -27.41 5.66
C PRO A 147 14.81 -26.47 6.39
N ASP A 148 13.91 -25.81 5.65
CA ASP A 148 12.94 -24.94 6.30
C ASP A 148 11.74 -25.79 6.69
N ILE A 149 11.23 -25.54 7.88
CA ILE A 149 10.11 -26.29 8.41
C ILE A 149 8.79 -25.72 7.90
N ASP A 150 7.91 -26.63 7.49
CA ASP A 150 6.58 -26.25 6.99
C ASP A 150 5.67 -26.05 8.20
N HIS A 151 5.53 -24.81 8.64
CA HIS A 151 4.71 -24.52 9.80
C HIS A 151 3.20 -24.62 9.62
N LEU A 152 2.77 -24.90 8.40
CA LEU A 152 1.35 -25.03 8.14
C LEU A 152 0.88 -26.46 8.41
N ASN A 153 1.83 -27.37 8.62
CA ASN A 153 1.55 -28.77 8.90
C ASN A 153 1.12 -28.86 10.36
N LEU A 154 -0.06 -29.43 10.62
CA LEU A 154 -0.61 -29.52 11.96
C LEU A 154 0.17 -30.31 12.99
N ARG A 155 0.89 -31.36 12.57
CA ARG A 155 1.68 -32.14 13.52
C ARG A 155 2.86 -31.27 13.94
N VAL A 156 3.40 -30.52 13.00
CA VAL A 156 4.52 -29.62 13.26
C VAL A 156 4.12 -28.64 14.35
N GLN A 157 3.03 -27.92 14.13
CA GLN A 157 2.55 -26.96 15.12
C GLN A 157 2.30 -27.63 16.47
N LYS A 158 1.60 -28.76 16.43
CA LYS A 158 1.28 -29.50 17.66
C LYS A 158 2.50 -29.90 18.48
N GLU A 159 3.45 -30.57 17.84
CA GLU A 159 4.65 -31.03 18.53
C GLU A 159 5.62 -29.92 18.92
N LEU A 160 5.57 -28.81 18.21
CA LEU A 160 6.46 -27.69 18.51
C LEU A 160 5.93 -26.97 19.76
N VAL A 161 4.62 -26.76 19.81
CA VAL A 161 3.99 -26.12 20.97
C VAL A 161 4.23 -26.97 22.21
N GLU A 162 4.22 -28.29 22.01
CA GLU A 162 4.45 -29.25 23.08
C GLU A 162 5.91 -29.15 23.59
N TRP A 163 6.83 -28.84 22.70
CA TRP A 163 8.23 -28.70 23.07
C TRP A 163 8.39 -27.38 23.81
N LEU A 164 7.70 -26.34 23.33
CA LEU A 164 7.75 -25.01 23.95
C LEU A 164 7.20 -25.09 25.37
N ASN A 165 6.14 -25.85 25.57
CA ASN A 165 5.55 -26.01 26.89
C ASN A 165 6.48 -26.80 27.80
N TRP A 166 7.25 -27.72 27.23
CA TRP A 166 8.21 -28.51 28.00
C TRP A 166 9.34 -27.60 28.47
N LEU A 167 9.82 -26.77 27.57
CA LEU A 167 10.89 -25.83 27.86
C LEU A 167 10.46 -24.98 29.05
N LYS A 168 9.19 -24.62 29.06
CA LYS A 168 8.64 -23.79 30.11
C LYS A 168 8.40 -24.50 31.43
N ALA A 169 7.68 -25.61 31.36
CA ALA A 169 7.33 -26.40 32.55
C ALA A 169 8.46 -27.18 33.17
N ASP A 170 9.20 -27.91 32.36
CA ASP A 170 10.29 -28.70 32.88
C ASP A 170 11.54 -27.87 33.10
N ILE A 171 12.05 -27.25 32.04
CA ILE A 171 13.28 -26.47 32.15
C ILE A 171 13.10 -25.16 32.94
N GLY A 172 11.96 -24.51 32.80
CA GLY A 172 11.72 -23.29 33.55
C GLY A 172 11.87 -21.98 32.79
N PHE A 173 11.94 -22.00 31.47
CA PHE A 173 12.06 -20.75 30.74
C PHE A 173 10.77 -19.95 30.89
N ASP A 174 10.90 -18.62 30.93
CA ASP A 174 9.73 -17.74 31.08
C ASP A 174 9.24 -17.08 29.78
N GLY A 175 10.05 -17.12 28.72
CA GLY A 175 9.65 -16.49 27.48
C GLY A 175 10.55 -16.85 26.32
N TRP A 176 10.26 -16.29 25.16
CA TRP A 176 11.03 -16.62 23.96
C TRP A 176 11.56 -15.46 23.15
N ARG A 177 12.65 -15.73 22.44
CA ARG A 177 13.22 -14.78 21.50
C ARG A 177 13.14 -15.58 20.22
N PHE A 178 12.35 -15.13 19.25
CA PHE A 178 12.23 -15.88 18.01
C PHE A 178 13.29 -15.54 17.00
N ASP A 179 14.15 -16.51 16.75
CA ASP A 179 15.24 -16.36 15.79
C ASP A 179 14.71 -16.36 14.36
N PHE A 180 15.27 -15.49 13.52
CA PHE A 180 14.91 -15.40 12.11
C PHE A 180 13.40 -15.42 11.93
N ALA A 181 12.70 -14.49 12.58
CA ALA A 181 11.24 -14.42 12.52
C ALA A 181 10.69 -14.09 11.14
N LYS A 182 11.53 -13.58 10.25
CA LYS A 182 11.10 -13.28 8.90
C LYS A 182 10.95 -14.60 8.09
N GLY A 183 11.39 -15.71 8.70
CA GLY A 183 11.30 -17.00 8.03
C GLY A 183 9.92 -17.65 7.99
N TYR A 184 8.97 -17.11 8.73
CA TYR A 184 7.62 -17.65 8.74
C TYR A 184 6.64 -16.50 9.00
N SER A 185 5.38 -16.70 8.66
CA SER A 185 4.40 -15.63 8.81
C SER A 185 4.05 -15.24 10.25
N ALA A 186 3.47 -14.04 10.39
CA ALA A 186 3.06 -13.57 11.70
C ALA A 186 1.95 -14.50 12.21
N ASP A 187 1.16 -15.04 11.29
CA ASP A 187 0.08 -15.96 11.63
C ASP A 187 0.67 -17.17 12.36
N VAL A 188 1.79 -17.68 11.83
CA VAL A 188 2.49 -18.82 12.42
C VAL A 188 3.03 -18.48 13.80
N ALA A 189 3.71 -17.33 13.92
CA ALA A 189 4.25 -16.92 15.21
C ALA A 189 3.14 -16.78 16.25
N LYS A 190 1.97 -16.32 15.81
CA LYS A 190 0.81 -16.12 16.69
C LYS A 190 0.36 -17.40 17.36
N ILE A 191 0.32 -18.49 16.61
CA ILE A 191 -0.05 -19.79 17.12
C ILE A 191 0.85 -20.22 18.27
N TYR A 192 2.17 -20.10 18.07
CA TYR A 192 3.13 -20.50 19.10
C TYR A 192 3.06 -19.62 20.32
N ILE A 193 2.92 -18.32 20.12
CA ILE A 193 2.84 -17.38 21.23
C ILE A 193 1.57 -17.60 22.06
N ASP A 194 0.45 -17.76 21.39
CA ASP A 194 -0.82 -17.98 22.07
C ASP A 194 -0.86 -19.30 22.82
N ARG A 195 -0.36 -20.36 22.20
CA ARG A 195 -0.38 -21.68 22.80
C ARG A 195 0.71 -22.01 23.81
N SER A 196 1.75 -21.19 23.87
CA SER A 196 2.81 -21.42 24.85
C SER A 196 2.67 -20.41 25.99
N GLU A 197 1.85 -19.39 25.78
CA GLU A 197 1.63 -18.34 26.77
C GLU A 197 2.89 -17.86 27.48
N PRO A 198 3.86 -17.27 26.74
CA PRO A 198 5.07 -16.79 27.41
C PRO A 198 4.77 -15.47 28.11
N SER A 199 5.56 -15.14 29.12
CA SER A 199 5.34 -13.88 29.83
C SER A 199 5.96 -12.73 29.04
N PHE A 200 6.89 -13.08 28.17
CA PHE A 200 7.58 -12.10 27.35
C PHE A 200 7.99 -12.82 26.07
N ALA A 201 8.01 -12.10 24.95
CA ALA A 201 8.43 -12.68 23.68
C ALA A 201 8.95 -11.55 22.81
N VAL A 202 10.07 -11.78 22.14
CA VAL A 202 10.67 -10.78 21.27
C VAL A 202 11.11 -11.46 19.98
N ALA A 203 10.76 -10.90 18.84
CA ALA A 203 11.11 -11.50 17.56
C ALA A 203 12.24 -10.80 16.85
N GLU A 204 13.03 -11.56 16.12
CA GLU A 204 14.12 -11.00 15.34
C GLU A 204 13.63 -10.88 13.92
N ILE A 205 13.34 -9.66 13.50
CA ILE A 205 12.89 -9.36 12.15
C ILE A 205 13.93 -8.34 11.67
N TRP A 206 14.81 -8.77 10.77
CA TRP A 206 15.88 -7.93 10.28
C TRP A 206 15.84 -7.79 8.77
N THR A 207 15.53 -6.58 8.31
CA THR A 207 15.51 -6.30 6.88
C THR A 207 16.36 -5.05 6.70
N SER A 208 16.82 -4.83 5.47
CA SER A 208 17.63 -3.65 5.18
C SER A 208 16.88 -2.32 5.36
N LEU A 209 17.61 -1.30 5.79
CA LEU A 209 17.04 0.03 5.95
C LEU A 209 17.02 0.59 4.51
N ALA A 210 16.46 1.78 4.35
CA ALA A 210 16.42 2.44 3.03
C ALA A 210 17.67 3.31 2.95
N TYR A 211 18.41 3.19 1.86
CA TYR A 211 19.66 3.94 1.66
C TYR A 211 19.62 4.96 0.52
N GLY A 212 20.53 5.94 0.62
CA GLY A 212 20.65 6.95 -0.41
C GLY A 212 21.90 6.70 -1.24
N GLY A 213 22.11 7.53 -2.27
CA GLY A 213 23.25 7.42 -3.16
C GLY A 213 24.60 7.59 -2.50
N ASP A 214 24.61 8.25 -1.34
CA ASP A 214 25.82 8.45 -0.56
C ASP A 214 26.26 7.18 0.19
N GLY A 215 25.40 6.16 0.23
CA GLY A 215 25.75 4.93 0.91
C GLY A 215 25.38 4.88 2.37
N LYS A 216 24.62 5.89 2.83
CA LYS A 216 24.20 5.97 4.21
C LYS A 216 22.66 5.92 4.29
N PRO A 217 22.09 5.58 5.47
CA PRO A 217 20.64 5.52 5.59
C PRO A 217 19.94 6.82 5.27
N ASN A 218 18.69 6.70 4.80
CA ASN A 218 17.87 7.86 4.51
C ASN A 218 17.48 8.45 5.86
N LEU A 219 17.09 9.72 5.87
CA LEU A 219 16.66 10.39 7.09
C LEU A 219 15.36 9.78 7.63
N ASN A 220 14.46 9.45 6.72
CA ASN A 220 13.16 8.86 7.06
C ASN A 220 13.22 7.35 6.85
N GLN A 221 12.79 6.60 7.86
CA GLN A 221 12.82 5.14 7.80
C GLN A 221 11.47 4.55 8.20
N ASP A 222 10.39 5.21 7.82
CA ASP A 222 9.04 4.77 8.12
C ASP A 222 8.70 3.40 7.53
N GLN A 223 9.15 3.14 6.30
CA GLN A 223 8.86 1.86 5.65
C GLN A 223 9.43 0.75 6.51
N HIS A 224 10.63 0.98 7.03
CA HIS A 224 11.30 0.00 7.86
C HIS A 224 10.59 -0.23 9.18
N ARG A 225 10.26 0.81 9.94
CA ARG A 225 9.58 0.59 11.21
C ARG A 225 8.13 0.16 11.04
N GLN A 226 7.56 0.46 9.89
CA GLN A 226 6.18 0.06 9.62
C GLN A 226 6.12 -1.46 9.58
N GLU A 227 7.12 -2.08 8.98
CA GLU A 227 7.18 -3.54 8.89
C GLU A 227 7.23 -4.21 10.26
N LEU A 228 7.90 -3.58 11.21
CA LEU A 228 7.99 -4.14 12.56
C LEU A 228 6.63 -3.98 13.26
N VAL A 229 6.02 -2.81 13.08
CA VAL A 229 4.72 -2.55 13.68
C VAL A 229 3.64 -3.47 13.09
N ASN A 230 3.72 -3.73 11.79
CA ASN A 230 2.74 -4.59 11.14
C ASN A 230 2.73 -6.00 11.71
N TRP A 231 3.92 -6.54 11.99
CA TRP A 231 4.06 -7.88 12.56
C TRP A 231 3.43 -7.94 13.97
N VAL A 232 3.82 -7.00 14.84
CA VAL A 232 3.28 -6.98 16.19
C VAL A 232 1.76 -6.92 16.17
N ASP A 233 1.20 -6.08 15.31
CA ASP A 233 -0.25 -5.96 15.23
C ASP A 233 -0.91 -7.29 14.81
N LYS A 234 -0.30 -8.00 13.88
CA LYS A 234 -0.84 -9.27 13.42
C LYS A 234 -0.83 -10.36 14.50
N VAL A 235 0.27 -10.47 15.25
CA VAL A 235 0.36 -11.49 16.28
C VAL A 235 -0.52 -11.16 17.49
N GLY A 236 -0.69 -9.87 17.75
CA GLY A 236 -1.51 -9.46 18.87
C GLY A 236 -0.90 -8.30 19.61
N GLY A 237 -1.46 -7.11 19.40
CA GLY A 237 -0.94 -5.93 20.06
C GLY A 237 -1.18 -5.87 21.56
N LYS A 238 -2.02 -6.76 22.07
CA LYS A 238 -2.35 -6.79 23.48
C LYS A 238 -1.60 -7.90 24.22
N GLY A 239 -0.90 -8.74 23.45
CA GLY A 239 -0.15 -9.85 24.03
C GLY A 239 1.25 -9.49 24.50
N PRO A 240 2.14 -10.49 24.66
CA PRO A 240 3.52 -10.31 25.11
C PRO A 240 4.57 -10.14 24.01
N ALA A 241 4.14 -10.15 22.76
CA ALA A 241 5.04 -10.04 21.63
C ALA A 241 5.61 -8.64 21.40
N THR A 242 6.92 -8.59 21.15
CA THR A 242 7.64 -7.34 20.88
C THR A 242 8.61 -7.67 19.74
N THR A 243 9.29 -6.66 19.20
CA THR A 243 10.26 -6.89 18.12
C THR A 243 11.51 -6.08 18.44
N PHE A 244 12.67 -6.55 17.99
CA PHE A 244 13.89 -5.81 18.22
C PHE A 244 13.81 -4.58 17.29
N ASP A 245 14.16 -3.41 17.82
CA ASP A 245 14.12 -2.16 17.09
C ASP A 245 15.37 -1.96 16.25
N PHE A 246 15.42 -2.64 15.11
CA PHE A 246 16.57 -2.55 14.22
C PHE A 246 16.66 -1.16 13.56
N THR A 247 15.53 -0.46 13.49
CA THR A 247 15.50 0.87 12.88
C THR A 247 16.36 1.85 13.68
N THR A 248 16.18 1.85 15.00
CA THR A 248 16.94 2.72 15.90
C THR A 248 18.43 2.37 15.88
N LYS A 249 18.74 1.07 15.88
CA LYS A 249 20.12 0.59 15.85
C LYS A 249 20.84 1.06 14.59
N GLY A 250 20.15 0.97 13.45
CA GLY A 250 20.73 1.39 12.19
C GLY A 250 20.97 2.88 12.11
N ILE A 251 20.06 3.65 12.69
CA ILE A 251 20.16 5.11 12.68
C ILE A 251 21.20 5.59 13.69
N LEU A 252 21.19 5.02 14.89
CA LEU A 252 22.13 5.39 15.96
C LEU A 252 23.58 5.08 15.55
N ASN A 253 23.77 4.01 14.79
CA ASN A 253 25.08 3.60 14.28
C ASN A 253 25.77 4.78 13.58
N VAL A 254 25.03 5.48 12.74
CA VAL A 254 25.61 6.58 12.00
C VAL A 254 25.38 7.98 12.60
N ALA A 255 24.30 8.14 13.35
CA ALA A 255 23.97 9.43 13.96
C ALA A 255 25.06 9.86 14.90
N VAL A 256 25.58 8.89 15.63
CA VAL A 256 26.60 9.10 16.64
C VAL A 256 27.91 9.66 16.11
N GLU A 257 28.13 9.56 14.81
CA GLU A 257 29.35 10.11 14.22
C GLU A 257 29.14 11.48 13.57
N GLY A 258 28.82 12.46 14.39
CA GLY A 258 28.63 13.83 13.94
C GLY A 258 27.38 14.14 13.15
N GLU A 259 26.33 13.34 13.31
CA GLU A 259 25.08 13.56 12.59
C GLU A 259 23.89 13.30 13.50
N LEU A 260 23.96 13.85 14.70
CA LEU A 260 22.93 13.69 15.71
C LEU A 260 21.55 14.24 15.32
N TRP A 261 21.49 15.07 14.29
CA TRP A 261 20.21 15.61 13.82
C TRP A 261 19.33 14.46 13.30
N ARG A 262 19.95 13.33 12.98
CA ARG A 262 19.23 12.16 12.50
C ARG A 262 18.28 11.59 13.56
N LEU A 263 18.52 11.96 14.80
CA LEU A 263 17.72 11.48 15.94
C LEU A 263 16.38 12.15 16.15
N ARG A 264 16.04 13.13 15.32
CA ARG A 264 14.74 13.79 15.44
C ARG A 264 13.99 13.70 14.12
N GLY A 265 12.84 13.02 14.12
CA GLY A 265 12.05 12.92 12.91
C GLY A 265 11.32 14.23 12.62
N THR A 266 10.77 14.37 11.42
CA THR A 266 10.05 15.60 11.03
C THR A 266 8.97 16.01 12.04
N ASP A 267 8.32 15.01 12.64
CA ASP A 267 7.26 15.26 13.62
C ASP A 267 7.79 15.50 15.02
N GLY A 268 9.10 15.58 15.16
CA GLY A 268 9.69 15.78 16.48
C GLY A 268 9.65 14.52 17.33
N LYS A 269 9.46 13.37 16.69
CA LYS A 269 9.43 12.09 17.40
C LYS A 269 10.68 11.30 17.06
N ALA A 270 10.97 10.28 17.84
CA ALA A 270 12.14 9.41 17.62
C ALA A 270 11.93 8.78 16.25
N PRO A 271 13.03 8.58 15.48
CA PRO A 271 12.97 8.00 14.13
C PRO A 271 12.78 6.48 14.02
N GLY A 272 13.11 5.75 15.07
CA GLY A 272 12.97 4.31 15.03
C GLY A 272 11.62 3.85 15.51
N MET A 273 11.51 2.56 15.79
CA MET A 273 10.26 1.98 16.24
C MET A 273 9.76 2.61 17.53
N ILE A 274 10.67 3.00 18.42
CA ILE A 274 10.27 3.62 19.67
C ILE A 274 9.50 4.92 19.48
N GLY A 275 9.58 5.50 18.29
CA GLY A 275 8.86 6.74 18.01
C GLY A 275 7.39 6.53 17.73
N TRP A 276 7.01 5.29 17.39
CA TRP A 276 5.64 4.93 17.07
C TRP A 276 4.99 4.02 18.09
N TRP A 277 5.65 2.91 18.42
CA TRP A 277 5.12 1.96 19.36
C TRP A 277 6.23 1.53 20.34
N PRO A 278 6.67 2.44 21.23
CA PRO A 278 7.73 2.10 22.18
C PRO A 278 7.46 0.86 23.04
N ALA A 279 6.21 0.64 23.40
CA ALA A 279 5.86 -0.51 24.23
C ALA A 279 6.27 -1.82 23.58
N LYS A 280 6.31 -1.83 22.26
CA LYS A 280 6.61 -3.06 21.53
C LYS A 280 8.01 -3.16 20.94
N ALA A 281 8.88 -2.21 21.28
CA ALA A 281 10.23 -2.21 20.76
C ALA A 281 11.27 -2.52 21.80
N VAL A 282 12.25 -3.36 21.46
CA VAL A 282 13.32 -3.61 22.39
C VAL A 282 14.60 -3.14 21.69
N THR A 283 15.22 -2.13 22.30
CA THR A 283 16.39 -1.48 21.76
C THR A 283 17.69 -2.19 22.13
N PHE A 284 18.73 -1.97 21.34
CA PHE A 284 20.02 -2.57 21.60
C PHE A 284 21.12 -1.80 20.85
N VAL A 285 22.34 -1.96 21.34
CA VAL A 285 23.52 -1.34 20.77
C VAL A 285 24.18 -2.32 19.81
N ASP A 286 24.30 -3.58 20.22
CA ASP A 286 24.86 -4.64 19.41
C ASP A 286 24.42 -5.98 19.97
N ASN A 287 24.50 -7.02 19.16
CA ASN A 287 24.16 -8.37 19.58
C ASN A 287 25.25 -9.26 19.03
N HIS A 288 25.10 -10.58 19.19
CA HIS A 288 26.10 -11.54 18.72
C HIS A 288 26.30 -11.56 17.21
N ASP A 289 25.36 -11.01 16.45
CA ASP A 289 25.48 -10.98 14.99
C ASP A 289 26.11 -9.66 14.54
N THR A 290 25.50 -8.56 14.97
CA THR A 290 25.97 -7.24 14.56
C THR A 290 27.36 -6.92 15.07
N GLY A 291 27.67 -7.36 16.29
CA GLY A 291 28.97 -7.11 16.88
C GLY A 291 29.69 -8.42 17.17
N SER A 292 30.18 -8.56 18.40
CA SER A 292 30.89 -9.77 18.82
C SER A 292 31.94 -10.09 17.78
N THR A 293 32.11 -11.35 17.43
CA THR A 293 33.11 -11.72 16.45
C THR A 293 32.55 -11.97 15.06
N GLN A 294 31.35 -11.46 14.78
CA GLN A 294 30.76 -11.61 13.45
C GLN A 294 30.81 -10.29 12.67
N HIS A 295 30.70 -9.16 13.38
CA HIS A 295 30.80 -7.83 12.77
C HIS A 295 29.85 -7.54 11.61
N MET A 296 28.58 -7.95 11.72
CA MET A 296 27.62 -7.67 10.65
C MET A 296 27.15 -6.24 10.59
N TRP A 297 27.13 -5.54 11.72
CA TRP A 297 26.64 -4.17 11.72
C TRP A 297 27.04 -3.53 13.04
N PRO A 298 28.34 -3.52 13.35
CA PRO A 298 28.86 -2.96 14.59
C PRO A 298 28.65 -1.47 14.86
N PHE A 299 28.41 -1.17 16.12
CA PHE A 299 28.24 0.20 16.58
C PHE A 299 29.69 0.69 16.67
N PRO A 300 29.96 1.96 16.31
CA PRO A 300 31.33 2.50 16.38
C PRO A 300 31.85 2.23 17.79
N SER A 301 32.93 1.45 17.89
CA SER A 301 33.49 1.05 19.19
C SER A 301 33.77 2.14 20.20
N ASP A 302 34.29 3.26 19.75
CA ASP A 302 34.60 4.36 20.66
C ASP A 302 33.40 5.17 21.13
N ARG A 303 32.21 4.88 20.60
CA ARG A 303 31.02 5.61 20.99
C ARG A 303 29.92 4.75 21.60
N VAL A 304 30.26 3.53 22.02
CA VAL A 304 29.23 2.66 22.59
C VAL A 304 28.51 3.24 23.79
N MET A 305 29.19 4.04 24.61
CA MET A 305 28.53 4.61 25.77
C MET A 305 27.43 5.61 25.40
N GLN A 306 27.54 6.20 24.21
CA GLN A 306 26.51 7.12 23.72
C GLN A 306 25.29 6.29 23.35
N GLY A 307 25.54 5.11 22.80
CA GLY A 307 24.46 4.21 22.47
C GLY A 307 23.74 3.78 23.74
N TYR A 308 24.50 3.47 24.80
CA TYR A 308 23.88 3.08 26.08
C TYR A 308 23.20 4.26 26.79
N ALA A 309 23.75 5.46 26.64
CA ALA A 309 23.14 6.63 27.28
C ALA A 309 21.76 6.85 26.65
N TYR A 310 21.65 6.57 25.36
CA TYR A 310 20.38 6.71 24.64
C TYR A 310 19.34 5.64 25.01
N ILE A 311 19.66 4.37 24.78
CA ILE A 311 18.68 3.31 25.04
C ILE A 311 18.30 3.11 26.50
N LEU A 312 19.22 3.39 27.42
CA LEU A 312 18.94 3.19 28.84
C LEU A 312 18.09 4.30 29.47
N THR A 313 18.01 5.46 28.82
CA THR A 313 17.20 6.56 29.32
C THR A 313 15.92 6.74 28.50
N HIS A 314 15.88 6.13 27.32
CA HIS A 314 14.75 6.26 26.40
C HIS A 314 13.64 5.23 26.50
N PRO A 315 12.45 5.52 25.90
CA PRO A 315 11.31 4.60 25.92
C PRO A 315 11.71 3.30 25.22
N GLY A 316 10.86 2.29 25.30
CA GLY A 316 11.17 1.01 24.70
C GLY A 316 11.85 0.16 25.77
N THR A 317 12.12 -1.11 25.49
CA THR A 317 12.79 -2.00 26.46
C THR A 317 14.24 -2.20 26.02
N PRO A 318 15.19 -1.65 26.78
CA PRO A 318 16.59 -1.82 26.38
C PRO A 318 17.14 -3.19 26.66
N CYS A 319 18.13 -3.57 25.85
CA CYS A 319 18.81 -4.84 25.97
C CYS A 319 20.32 -4.61 26.03
N ILE A 320 20.93 -4.97 27.15
CA ILE A 320 22.37 -4.82 27.35
C ILE A 320 23.10 -6.07 26.82
N PHE A 321 24.18 -5.86 26.06
CA PHE A 321 24.95 -6.97 25.48
C PHE A 321 26.01 -7.44 26.48
N TYR A 322 26.24 -8.76 26.55
CA TYR A 322 27.23 -9.33 27.45
C TYR A 322 28.60 -8.63 27.45
N ASP A 323 29.26 -8.63 26.31
CA ASP A 323 30.59 -8.03 26.18
C ASP A 323 30.75 -6.63 26.78
N HIS A 324 29.85 -5.75 26.40
CA HIS A 324 29.87 -4.37 26.85
C HIS A 324 29.79 -4.25 28.37
N PHE A 325 28.99 -5.12 28.98
CA PHE A 325 28.82 -5.09 30.42
C PHE A 325 30.01 -5.64 31.18
N PHE A 326 30.52 -6.78 30.75
CA PHE A 326 31.63 -7.43 31.46
C PHE A 326 33.03 -7.34 30.90
N ASP A 327 33.18 -7.44 29.57
CA ASP A 327 34.52 -7.44 28.97
C ASP A 327 35.16 -6.09 28.61
N TRP A 328 34.34 -5.12 28.26
CA TRP A 328 34.84 -3.80 27.84
C TRP A 328 35.15 -2.81 28.95
N GLY A 329 34.95 -3.18 30.20
CA GLY A 329 35.22 -2.26 31.28
C GLY A 329 34.23 -1.12 31.37
N LEU A 330 33.00 -1.37 30.91
CA LEU A 330 31.93 -0.38 30.91
C LEU A 330 30.89 -0.65 32.01
N LYS A 331 31.07 -1.75 32.73
CA LYS A 331 30.15 -2.14 33.78
C LYS A 331 29.66 -1.05 34.72
N GLU A 332 30.57 -0.26 35.27
CA GLU A 332 30.24 0.80 36.22
C GLU A 332 29.38 1.93 35.63
N GLU A 333 29.71 2.32 34.41
CA GLU A 333 28.96 3.36 33.74
C GLU A 333 27.59 2.85 33.37
N ILE A 334 27.54 1.61 32.85
CA ILE A 334 26.27 1.01 32.47
C ILE A 334 25.42 0.80 33.72
N ASP A 335 26.05 0.36 34.81
CA ASP A 335 25.34 0.14 36.07
C ASP A 335 24.63 1.41 36.51
N ARG A 336 25.37 2.51 36.47
CA ARG A 336 24.87 3.82 36.87
C ARG A 336 23.66 4.24 36.02
N LEU A 337 23.74 3.98 34.72
CA LEU A 337 22.66 4.31 33.80
C LEU A 337 21.40 3.52 34.11
N VAL A 338 21.52 2.20 34.35
CA VAL A 338 20.33 1.41 34.69
C VAL A 338 19.74 1.91 36.01
N SER A 339 20.63 2.29 36.94
CA SER A 339 20.18 2.79 38.24
C SER A 339 19.36 4.07 38.05
N VAL A 340 19.83 4.99 37.20
CA VAL A 340 19.09 6.23 36.92
C VAL A 340 17.68 5.89 36.38
N ARG A 341 17.62 4.95 35.43
CA ARG A 341 16.35 4.53 34.83
C ARG A 341 15.42 3.88 35.86
N THR A 342 15.98 3.01 36.67
CA THR A 342 15.21 2.30 37.69
C THR A 342 14.62 3.19 38.77
N ARG A 343 15.43 4.10 39.32
CA ARG A 343 14.96 4.97 40.39
C ARG A 343 13.90 5.98 40.00
N HIS A 344 13.86 6.37 38.73
CA HIS A 344 12.86 7.34 38.26
C HIS A 344 11.62 6.74 37.62
N GLY A 345 11.53 5.41 37.62
CA GLY A 345 10.36 4.74 37.07
C GLY A 345 10.21 4.83 35.57
N ILE A 346 11.32 5.04 34.88
CA ILE A 346 11.30 5.13 33.42
C ILE A 346 10.96 3.73 32.92
N HIS A 347 10.03 3.63 31.98
CA HIS A 347 9.58 2.36 31.45
C HIS A 347 9.44 2.41 29.92
N ASN A 348 9.00 1.29 29.32
CA ASN A 348 8.90 1.22 27.87
C ASN A 348 8.02 2.27 27.18
N GLU A 349 7.12 2.88 27.93
CA GLU A 349 6.24 3.89 27.36
C GLU A 349 6.45 5.26 27.95
N SER A 350 7.65 5.51 28.49
CA SER A 350 7.93 6.83 29.04
C SER A 350 7.82 7.86 27.91
N LYS A 351 7.46 9.08 28.27
CA LYS A 351 7.31 10.17 27.30
C LYS A 351 8.65 10.74 26.94
N LEU A 352 8.93 10.86 25.65
CA LEU A 352 10.19 11.40 25.18
C LEU A 352 9.96 12.79 24.60
N GLN A 353 10.73 13.75 25.06
CA GLN A 353 10.60 15.10 24.56
C GLN A 353 11.98 15.55 24.08
N ILE A 354 12.14 15.61 22.76
CA ILE A 354 13.40 16.00 22.15
C ILE A 354 13.58 17.51 22.19
N ILE A 355 14.56 17.98 22.95
CA ILE A 355 14.80 19.40 23.08
C ILE A 355 15.68 19.98 21.98
N GLU A 356 16.75 19.26 21.64
CA GLU A 356 17.69 19.74 20.63
C GLU A 356 18.24 18.58 19.84
N ALA A 357 18.50 18.78 18.55
CA ALA A 357 19.06 17.73 17.72
C ALA A 357 19.95 18.33 16.65
N ASP A 358 21.13 18.77 17.06
CA ASP A 358 22.11 19.37 16.15
C ASP A 358 23.13 18.29 15.82
N ALA A 359 24.04 18.58 14.90
CA ALA A 359 25.08 17.62 14.52
C ALA A 359 25.91 17.19 15.73
N ASP A 360 26.20 18.14 16.62
CA ASP A 360 27.02 17.88 17.78
C ASP A 360 26.27 17.87 19.10
N LEU A 361 24.93 17.80 19.02
CA LEU A 361 24.13 17.79 20.23
C LEU A 361 22.75 17.16 20.08
N TYR A 362 22.45 16.23 20.97
CA TYR A 362 21.14 15.59 21.03
C TYR A 362 20.79 15.78 22.50
N LEU A 363 19.72 16.50 22.77
CA LEU A 363 19.33 16.74 24.16
C LEU A 363 17.87 16.36 24.26
N ALA A 364 17.53 15.50 25.20
CA ALA A 364 16.16 15.08 25.35
C ALA A 364 15.77 14.92 26.80
N GLU A 365 14.50 15.13 27.07
CA GLU A 365 13.98 15.03 28.42
C GLU A 365 12.98 13.89 28.38
N ILE A 366 13.03 13.02 29.38
CA ILE A 366 12.09 11.92 29.44
C ILE A 366 11.34 11.88 30.77
N ASP A 367 10.02 11.86 30.66
CA ASP A 367 9.08 11.86 31.80
C ASP A 367 9.25 13.08 32.69
N GLY A 368 9.92 14.11 32.18
CA GLY A 368 10.16 15.32 32.97
C GLY A 368 11.03 15.09 34.19
N LYS A 369 11.71 13.96 34.24
CA LYS A 369 12.57 13.61 35.39
C LYS A 369 14.05 13.45 35.05
N VAL A 370 14.31 13.06 33.80
CA VAL A 370 15.66 12.82 33.35
C VAL A 370 15.91 13.54 32.04
N ILE A 371 17.11 14.10 31.91
CA ILE A 371 17.54 14.80 30.71
C ILE A 371 18.84 14.11 30.26
N VAL A 372 18.90 13.73 28.99
CA VAL A 372 20.08 13.08 28.46
C VAL A 372 20.69 13.91 27.34
N LYS A 373 22.01 13.95 27.31
CA LYS A 373 22.75 14.71 26.32
C LYS A 373 23.78 13.81 25.66
N LEU A 374 23.80 13.81 24.33
CA LEU A 374 24.78 13.04 23.56
C LEU A 374 25.52 14.08 22.73
N GLY A 375 26.80 13.84 22.49
CA GLY A 375 27.55 14.77 21.68
C GLY A 375 28.71 15.43 22.39
N PRO A 376 29.66 16.00 21.61
CA PRO A 376 30.84 16.69 22.14
C PRO A 376 30.58 18.11 22.60
N ARG A 377 29.41 18.66 22.29
CA ARG A 377 29.05 20.01 22.69
C ARG A 377 29.49 20.21 24.14
N TYR A 378 30.51 21.03 24.34
CA TYR A 378 31.06 21.27 25.68
C TYR A 378 30.13 21.82 26.75
N ASP A 379 29.64 23.05 26.59
CA ASP A 379 28.74 23.60 27.59
C ASP A 379 27.32 23.71 27.07
N VAL A 380 26.40 23.08 27.78
CA VAL A 380 25.00 23.09 27.42
C VAL A 380 24.20 23.44 28.66
N GLY A 381 24.89 23.86 29.72
CA GLY A 381 24.25 24.22 30.97
C GLY A 381 23.08 25.18 30.86
N ASN A 382 23.18 26.08 29.90
CA ASN A 382 22.14 27.08 29.64
C ASN A 382 20.81 26.42 29.22
N LEU A 383 20.88 25.21 28.66
CA LEU A 383 19.71 24.48 28.19
C LEU A 383 19.09 23.53 29.20
N ILE A 384 19.76 23.27 30.31
CA ILE A 384 19.21 22.36 31.30
C ILE A 384 18.53 23.13 32.42
N PRO A 385 17.19 22.97 32.55
CA PRO A 385 16.38 23.64 33.58
C PRO A 385 16.83 23.48 35.03
N GLY A 386 16.19 24.23 35.92
CA GLY A 386 16.52 24.19 37.34
C GLY A 386 16.03 22.95 38.06
N GLY A 387 16.75 22.56 39.11
CA GLY A 387 16.39 21.39 39.87
C GLY A 387 16.81 20.10 39.19
N PHE A 388 17.91 20.15 38.46
CA PHE A 388 18.45 19.00 37.76
C PHE A 388 19.92 18.86 38.10
N LYS A 389 20.30 17.74 38.68
CA LYS A 389 21.71 17.51 39.02
C LYS A 389 22.29 16.45 38.10
N VAL A 390 23.58 16.55 37.81
CA VAL A 390 24.24 15.55 36.97
C VAL A 390 24.20 14.20 37.68
N ALA A 391 23.70 13.18 36.98
CA ALA A 391 23.60 11.83 37.53
C ALA A 391 24.68 10.89 36.99
N ALA A 392 25.19 11.20 35.80
CA ALA A 392 26.21 10.39 35.15
C ALA A 392 26.74 11.13 33.95
N HIS A 393 28.03 10.96 33.68
CA HIS A 393 28.66 11.61 32.53
C HIS A 393 29.84 10.75 32.11
N GLY A 394 30.20 10.81 30.85
CA GLY A 394 31.30 10.02 30.34
C GLY A 394 31.68 10.56 29.00
N ASN A 395 32.27 9.71 28.16
CA ASN A 395 32.69 10.14 26.84
C ASN A 395 31.52 10.56 25.98
N ASP A 396 31.43 11.88 25.77
CA ASP A 396 30.38 12.48 24.96
C ASP A 396 28.96 12.16 25.38
N TYR A 397 28.72 12.15 26.67
CA TYR A 397 27.36 11.92 27.16
C TYR A 397 27.26 12.36 28.60
N ALA A 398 26.08 12.83 28.99
CA ALA A 398 25.84 13.25 30.36
C ALA A 398 24.37 13.09 30.58
N VAL A 399 23.98 12.81 31.81
CA VAL A 399 22.59 12.65 32.13
C VAL A 399 22.30 13.35 33.43
N TRP A 400 21.21 14.11 33.45
CA TRP A 400 20.79 14.85 34.62
C TRP A 400 19.50 14.26 35.17
N GLU A 401 19.33 14.33 36.48
CA GLU A 401 18.13 13.83 37.14
C GLU A 401 17.55 14.97 37.97
N LYS A 402 16.22 15.04 38.01
CA LYS A 402 15.51 16.09 38.76
C LYS A 402 15.56 15.85 40.26
N ILE A 403 15.51 16.95 41.01
CA ILE A 403 15.54 16.96 42.47
C ILE A 403 16.98 16.88 42.96
N GLN B 1 -24.08 20.64 8.30
CA GLN B 1 -22.89 19.74 8.21
C GLN B 1 -22.07 20.07 6.96
N VAL B 2 -20.78 19.75 7.00
CA VAL B 2 -19.93 20.01 5.85
C VAL B 2 -19.04 18.79 5.61
N LEU B 3 -19.25 18.17 4.46
CA LEU B 3 -18.53 16.98 4.04
C LEU B 3 -17.15 17.31 3.53
N PHE B 4 -16.26 16.31 3.54
CA PHE B 4 -14.90 16.46 3.04
C PHE B 4 -14.53 15.14 2.40
N GLN B 5 -14.12 15.18 1.13
CA GLN B 5 -13.69 13.98 0.42
C GLN B 5 -12.23 13.83 0.79
N GLY B 6 -11.93 12.83 1.60
CA GLY B 6 -10.57 12.63 2.06
C GLY B 6 -9.63 11.85 1.17
N PHE B 7 -9.73 12.03 -0.15
CA PHE B 7 -8.87 11.33 -1.09
C PHE B 7 -9.04 11.84 -2.52
N ASN B 8 -8.13 11.44 -3.37
CA ASN B 8 -8.19 11.77 -4.79
C ASN B 8 -7.83 10.51 -5.59
N TRP B 9 -7.78 10.62 -6.92
CA TRP B 9 -7.50 9.47 -7.77
C TRP B 9 -6.08 8.90 -7.62
N GLU B 10 -5.15 9.71 -7.11
CA GLU B 10 -3.76 9.28 -6.92
C GLU B 10 -3.42 8.79 -5.51
N SER B 11 -4.41 8.81 -4.61
CA SER B 11 -4.24 8.42 -3.22
C SER B 11 -3.65 7.03 -2.94
N TRP B 12 -4.15 6.02 -3.65
CA TRP B 12 -3.66 4.65 -3.44
C TRP B 12 -2.15 4.53 -3.62
N LYS B 13 -1.59 5.38 -4.47
CA LYS B 13 -0.14 5.36 -4.75
C LYS B 13 0.70 5.87 -3.59
N HIS B 14 0.09 6.58 -2.66
CA HIS B 14 0.84 7.16 -1.57
C HIS B 14 1.83 6.26 -0.84
N ASN B 15 3.10 6.68 -0.90
CA ASN B 15 4.22 5.97 -0.28
C ASN B 15 4.02 6.00 1.23
N GLY B 16 3.75 4.82 1.81
CA GLY B 16 3.56 4.75 3.25
C GLY B 16 2.11 4.56 3.71
N GLY B 17 1.18 4.36 2.77
CA GLY B 17 -0.21 4.16 3.13
C GLY B 17 -0.98 5.46 3.23
N TRP B 18 -2.17 5.49 2.63
CA TRP B 18 -2.99 6.69 2.66
C TRP B 18 -3.58 6.94 4.05
N TYR B 19 -4.13 5.90 4.66
CA TYR B 19 -4.73 6.01 6.00
C TYR B 19 -3.73 6.60 6.97
N ASN B 20 -2.51 6.04 6.96
CA ASN B 20 -1.44 6.51 7.83
C ASN B 20 -1.24 7.99 7.58
N PHE B 21 -1.21 8.37 6.30
CA PHE B 21 -1.02 9.77 5.92
C PHE B 21 -2.16 10.67 6.39
N LEU B 22 -3.38 10.16 6.33
CA LEU B 22 -4.56 10.92 6.74
C LEU B 22 -4.63 11.13 8.25
N MET B 23 -3.95 10.27 9.02
CA MET B 23 -3.92 10.38 10.48
C MET B 23 -3.33 11.74 10.87
N GLY B 24 -2.40 12.23 10.07
CA GLY B 24 -1.77 13.51 10.34
C GLY B 24 -2.54 14.74 9.91
N LYS B 25 -3.61 14.54 9.15
CA LYS B 25 -4.40 15.68 8.68
C LYS B 25 -5.62 15.89 9.57
N VAL B 26 -5.98 14.89 10.36
CA VAL B 26 -7.15 14.96 11.23
C VAL B 26 -7.24 16.24 12.07
N ASP B 27 -6.09 16.79 12.42
CA ASP B 27 -6.03 18.03 13.20
C ASP B 27 -6.67 19.20 12.45
N ASP B 28 -6.25 19.39 11.20
CA ASP B 28 -6.73 20.46 10.34
C ASP B 28 -8.18 20.25 9.95
N ILE B 29 -8.52 18.99 9.66
CA ILE B 29 -9.88 18.63 9.28
C ILE B 29 -10.88 19.05 10.37
N ALA B 30 -10.65 18.59 11.59
CA ALA B 30 -11.52 18.93 12.71
C ALA B 30 -11.54 20.43 12.97
N ALA B 31 -10.37 21.04 12.95
CA ALA B 31 -10.22 22.49 13.20
C ALA B 31 -10.91 23.39 12.17
N ALA B 32 -11.07 22.89 10.94
CA ALA B 32 -11.69 23.65 9.86
C ALA B 32 -13.23 23.70 9.94
N GLY B 33 -13.83 22.80 10.70
CA GLY B 33 -15.29 22.79 10.81
C GLY B 33 -15.93 21.67 10.02
N ILE B 34 -15.12 20.69 9.60
CA ILE B 34 -15.63 19.56 8.84
C ILE B 34 -16.27 18.56 9.79
N THR B 35 -17.42 18.05 9.37
CA THR B 35 -18.19 17.12 10.18
C THR B 35 -18.21 15.67 9.72
N HIS B 36 -18.09 15.44 8.42
CA HIS B 36 -18.11 14.08 7.86
C HIS B 36 -16.96 13.92 6.86
N VAL B 37 -16.23 12.82 6.94
CA VAL B 37 -15.13 12.59 6.00
C VAL B 37 -15.46 11.37 5.16
N TRP B 38 -15.47 11.57 3.85
CA TRP B 38 -15.75 10.50 2.91
C TRP B 38 -14.44 9.79 2.54
N LEU B 39 -14.37 8.50 2.88
CA LEU B 39 -13.18 7.71 2.62
C LEU B 39 -13.40 6.81 1.38
N PRO B 40 -12.32 6.39 0.71
CA PRO B 40 -12.35 5.54 -0.48
C PRO B 40 -12.76 4.12 -0.17
N PRO B 41 -13.14 3.34 -1.20
CA PRO B 41 -13.57 1.94 -1.01
C PRO B 41 -12.44 1.22 -0.30
N ALA B 42 -12.77 0.54 0.80
CA ALA B 42 -11.76 -0.13 1.61
C ALA B 42 -11.43 -1.58 1.29
N SER B 43 -12.29 -2.25 0.52
CA SER B 43 -12.06 -3.66 0.18
C SER B 43 -11.02 -3.90 -0.90
N GLN B 44 -10.65 -5.17 -1.03
CA GLN B 44 -9.72 -5.63 -2.05
C GLN B 44 -10.41 -5.31 -3.37
N SER B 45 -9.65 -4.94 -4.38
CA SER B 45 -10.22 -4.62 -5.67
C SER B 45 -9.17 -4.81 -6.74
N VAL B 46 -9.64 -5.16 -7.94
CA VAL B 46 -8.76 -5.36 -9.09
C VAL B 46 -8.17 -4.01 -9.48
N ALA B 47 -9.00 -2.98 -9.52
CA ALA B 47 -8.49 -1.65 -9.85
C ALA B 47 -7.99 -1.07 -8.53
N GLU B 48 -6.76 -0.59 -8.52
CA GLU B 48 -6.13 -0.03 -7.33
C GLU B 48 -6.92 1.00 -6.51
N GLN B 49 -7.69 1.85 -7.18
CA GLN B 49 -8.48 2.87 -6.49
C GLN B 49 -9.60 2.29 -5.65
N GLY B 50 -9.94 1.03 -5.94
CA GLY B 50 -10.98 0.34 -5.20
C GLY B 50 -12.36 0.26 -5.80
N TYR B 51 -12.53 0.73 -7.02
CA TYR B 51 -13.86 0.73 -7.64
C TYR B 51 -14.33 -0.52 -8.37
N MET B 52 -13.59 -1.60 -8.19
CA MET B 52 -13.92 -2.90 -8.75
C MET B 52 -13.59 -3.94 -7.69
N PRO B 53 -14.32 -3.89 -6.56
CA PRO B 53 -14.16 -4.77 -5.40
C PRO B 53 -14.45 -6.24 -5.66
N GLY B 54 -13.74 -7.09 -4.93
CA GLY B 54 -13.92 -8.53 -5.04
C GLY B 54 -14.26 -9.06 -3.67
N ARG B 55 -13.24 -9.21 -2.84
CA ARG B 55 -13.41 -9.70 -1.47
C ARG B 55 -13.81 -8.54 -0.54
N LEU B 56 -15.11 -8.33 -0.43
CA LEU B 56 -15.66 -7.27 0.40
C LEU B 56 -15.23 -7.28 1.85
N TYR B 57 -14.99 -8.47 2.41
CA TYR B 57 -14.57 -8.56 3.80
C TYR B 57 -13.06 -8.41 4.00
N ASP B 58 -12.33 -8.38 2.90
CA ASP B 58 -10.89 -8.26 2.94
C ASP B 58 -10.44 -6.80 2.82
N LEU B 59 -10.06 -6.18 3.94
CA LEU B 59 -9.61 -4.79 3.90
C LEU B 59 -8.09 -4.66 3.91
N ASP B 60 -7.40 -5.69 4.39
CA ASP B 60 -5.95 -5.67 4.43
C ASP B 60 -5.32 -5.70 3.05
N ALA B 61 -6.14 -6.06 2.05
CA ALA B 61 -5.70 -6.13 0.65
C ALA B 61 -5.86 -4.80 -0.08
N SER B 62 -6.37 -3.78 0.61
CA SER B 62 -6.55 -2.47 -0.01
C SER B 62 -5.22 -1.76 -0.16
N LYS B 63 -5.11 -0.93 -1.19
CA LYS B 63 -3.86 -0.20 -1.40
C LYS B 63 -3.79 0.96 -0.42
N TYR B 64 -4.94 1.39 0.09
CA TYR B 64 -4.98 2.53 1.02
C TYR B 64 -4.37 2.25 2.37
N GLY B 65 -4.42 0.99 2.77
CA GLY B 65 -3.89 0.60 4.07
C GLY B 65 -4.73 -0.55 4.56
N ASN B 66 -4.33 -1.14 5.68
CA ASN B 66 -5.07 -2.26 6.21
C ASN B 66 -6.17 -1.89 7.18
N LYS B 67 -6.97 -2.89 7.50
CA LYS B 67 -8.10 -2.78 8.41
C LYS B 67 -7.71 -2.14 9.74
N ALA B 68 -6.53 -2.48 10.26
CA ALA B 68 -6.07 -1.93 11.54
C ALA B 68 -5.84 -0.43 11.40
N GLN B 69 -5.16 -0.05 10.33
CA GLN B 69 -4.86 1.35 10.06
C GLN B 69 -6.15 2.11 9.80
N LEU B 70 -7.12 1.44 9.19
CA LEU B 70 -8.40 2.07 8.89
C LEU B 70 -9.07 2.39 10.21
N LYS B 71 -9.09 1.40 11.11
CA LYS B 71 -9.72 1.58 12.40
C LYS B 71 -9.07 2.68 13.21
N SER B 72 -7.74 2.76 13.18
CA SER B 72 -7.03 3.80 13.91
C SER B 72 -7.46 5.16 13.38
N LEU B 73 -7.44 5.29 12.06
CA LEU B 73 -7.83 6.52 11.38
C LEU B 73 -9.27 6.93 11.75
N ILE B 74 -10.21 5.97 11.72
CA ILE B 74 -11.60 6.25 12.08
C ILE B 74 -11.66 6.68 13.55
N GLY B 75 -10.87 6.00 14.39
CA GLY B 75 -10.83 6.32 15.81
C GLY B 75 -10.34 7.74 16.04
N ALA B 76 -9.31 8.14 15.31
CA ALA B 76 -8.76 9.49 15.42
C ALA B 76 -9.88 10.48 15.07
N LEU B 77 -10.63 10.16 14.02
CA LEU B 77 -11.73 11.02 13.55
C LEU B 77 -12.83 11.17 14.60
N HIS B 78 -13.26 10.05 15.18
CA HIS B 78 -14.30 10.04 16.20
C HIS B 78 -13.83 10.76 17.45
N GLY B 79 -12.51 10.68 17.70
CA GLY B 79 -11.92 11.34 18.84
C GLY B 79 -12.13 12.84 18.75
N LYS B 80 -12.15 13.35 17.52
CA LYS B 80 -12.37 14.77 17.28
C LYS B 80 -13.84 15.08 16.98
N GLY B 81 -14.71 14.07 17.08
CA GLY B 81 -16.12 14.26 16.83
C GLY B 81 -16.46 14.37 15.36
N VAL B 82 -15.64 13.75 14.52
CA VAL B 82 -15.83 13.75 13.07
C VAL B 82 -16.36 12.38 12.66
N LYS B 83 -17.35 12.38 11.77
CA LYS B 83 -17.96 11.16 11.25
C LYS B 83 -17.15 10.65 10.06
N ALA B 84 -17.31 9.39 9.72
CA ALA B 84 -16.61 8.78 8.59
C ALA B 84 -17.64 8.02 7.76
N ILE B 85 -17.74 8.32 6.47
CA ILE B 85 -18.69 7.62 5.60
C ILE B 85 -17.94 6.75 4.60
N ALA B 86 -18.42 5.52 4.45
CA ALA B 86 -17.79 4.58 3.55
C ALA B 86 -18.34 4.73 2.15
N ASP B 87 -17.46 4.52 1.18
CA ASP B 87 -17.83 4.58 -0.22
C ASP B 87 -18.29 3.15 -0.50
N ILE B 88 -19.58 3.00 -0.72
CA ILE B 88 -20.16 1.69 -0.97
C ILE B 88 -20.34 1.38 -2.45
N VAL B 89 -19.52 0.46 -2.96
CA VAL B 89 -19.59 0.04 -4.36
C VAL B 89 -20.29 -1.33 -4.40
N ILE B 90 -21.58 -1.34 -4.72
CA ILE B 90 -22.34 -2.59 -4.77
C ILE B 90 -23.10 -2.84 -6.06
N ASN B 91 -23.03 -1.92 -7.01
CA ASN B 91 -23.74 -2.17 -8.27
C ASN B 91 -23.12 -3.33 -9.02
N HIS B 92 -21.81 -3.47 -8.89
CA HIS B 92 -21.06 -4.51 -9.60
C HIS B 92 -19.95 -5.04 -8.71
N ARG B 93 -19.36 -6.17 -9.09
CA ARG B 93 -18.30 -6.77 -8.29
C ARG B 93 -17.45 -7.67 -9.17
N THR B 94 -16.21 -7.92 -8.77
CA THR B 94 -15.34 -8.81 -9.54
C THR B 94 -15.27 -10.17 -8.84
N ALA B 95 -15.29 -11.22 -9.66
CA ALA B 95 -15.22 -12.59 -9.16
C ALA B 95 -13.78 -13.01 -8.99
N GLU B 96 -13.55 -13.86 -7.99
CA GLU B 96 -12.23 -14.37 -7.70
C GLU B 96 -11.85 -15.58 -8.56
N HIS B 97 -12.80 -16.49 -8.79
CA HIS B 97 -12.55 -17.71 -9.54
C HIS B 97 -13.35 -17.84 -10.84
N LYS B 98 -12.84 -18.66 -11.75
CA LYS B 98 -13.52 -18.93 -13.02
C LYS B 98 -14.43 -20.13 -12.76
N ASP B 99 -15.55 -20.21 -13.47
CA ASP B 99 -16.46 -21.33 -13.30
C ASP B 99 -16.13 -22.39 -14.35
N GLY B 100 -17.05 -23.34 -14.56
CA GLY B 100 -16.83 -24.37 -15.55
C GLY B 100 -16.57 -23.80 -16.93
N ARG B 101 -17.33 -22.78 -17.31
CA ARG B 101 -17.16 -22.14 -18.62
C ARG B 101 -15.82 -21.41 -18.74
N GLY B 102 -15.09 -21.32 -17.64
CA GLY B 102 -13.80 -20.63 -17.64
C GLY B 102 -13.99 -19.12 -17.58
N ILE B 103 -15.07 -18.70 -16.93
CA ILE B 103 -15.40 -17.28 -16.80
C ILE B 103 -15.33 -16.84 -15.34
N TYR B 104 -14.76 -15.67 -15.11
CA TYR B 104 -14.66 -15.14 -13.75
C TYR B 104 -16.02 -14.70 -13.23
N CYS B 105 -16.74 -15.64 -12.62
CA CYS B 105 -18.07 -15.36 -12.07
C CYS B 105 -18.32 -16.03 -10.73
N ILE B 106 -17.26 -16.52 -10.09
CA ILE B 106 -17.42 -17.13 -8.78
C ILE B 106 -16.74 -16.22 -7.77
N PHE B 107 -17.56 -15.58 -6.94
CA PHE B 107 -17.08 -14.61 -5.98
C PHE B 107 -16.56 -15.19 -4.69
N GLU B 108 -15.72 -14.41 -4.01
CA GLU B 108 -15.12 -14.80 -2.73
C GLU B 108 -15.22 -13.60 -1.79
N GLY B 109 -16.01 -13.76 -0.73
CA GLY B 109 -16.20 -12.69 0.25
C GLY B 109 -14.97 -12.32 1.05
N GLY B 110 -13.97 -13.18 1.02
CA GLY B 110 -12.74 -12.92 1.76
C GLY B 110 -12.71 -13.53 3.15
N THR B 111 -13.76 -14.27 3.50
CA THR B 111 -13.84 -14.92 4.80
C THR B 111 -13.83 -16.43 4.57
N PRO B 112 -13.39 -17.20 5.58
CA PRO B 112 -13.32 -18.67 5.49
C PRO B 112 -14.70 -19.32 5.30
N ASP B 113 -15.76 -18.57 5.64
CA ASP B 113 -17.11 -19.06 5.48
C ASP B 113 -17.67 -18.69 4.11
N ALA B 114 -18.91 -19.08 3.86
CA ALA B 114 -19.57 -18.84 2.58
C ALA B 114 -20.14 -17.44 2.34
N ARG B 115 -19.96 -16.53 3.28
CA ARG B 115 -20.50 -15.18 3.10
C ARG B 115 -19.92 -14.49 1.88
N LEU B 116 -20.83 -14.04 0.99
CA LEU B 116 -20.46 -13.36 -0.24
C LEU B 116 -19.83 -14.28 -1.29
N ASP B 117 -19.78 -15.58 -0.99
CA ASP B 117 -19.22 -16.54 -1.94
C ASP B 117 -20.32 -16.87 -2.94
N TRP B 118 -20.67 -15.88 -3.75
CA TRP B 118 -21.72 -16.01 -4.74
C TRP B 118 -21.29 -16.70 -6.03
N GLY B 119 -22.26 -16.91 -6.89
CA GLY B 119 -22.03 -17.55 -8.17
C GLY B 119 -22.75 -16.80 -9.26
N PRO B 120 -22.75 -17.30 -10.49
CA PRO B 120 -23.39 -16.66 -11.64
C PRO B 120 -24.89 -16.43 -11.50
N HIS B 121 -25.50 -17.04 -10.50
CA HIS B 121 -26.93 -16.87 -10.28
C HIS B 121 -27.22 -15.48 -9.72
N MET B 122 -26.23 -14.91 -9.02
CA MET B 122 -26.37 -13.58 -8.41
C MET B 122 -25.97 -12.44 -9.35
N ILE B 123 -25.81 -12.75 -10.62
CA ILE B 123 -25.41 -11.76 -11.62
C ILE B 123 -26.62 -11.44 -12.48
N CYS B 124 -26.87 -10.16 -12.70
CA CYS B 124 -28.02 -9.72 -13.52
C CYS B 124 -28.13 -10.54 -14.80
N ARG B 125 -29.35 -11.05 -15.04
CA ARG B 125 -29.68 -11.91 -16.17
C ARG B 125 -28.94 -11.75 -17.50
N ASP B 126 -29.03 -10.57 -18.09
CA ASP B 126 -28.43 -10.32 -19.39
C ASP B 126 -27.04 -9.71 -19.43
N ASP B 127 -26.31 -9.77 -18.32
CA ASP B 127 -24.97 -9.20 -18.30
C ASP B 127 -23.97 -10.19 -18.87
N ARG B 128 -23.87 -10.22 -20.19
CA ARG B 128 -22.95 -11.11 -20.90
C ARG B 128 -21.52 -10.60 -20.78
N PRO B 129 -20.53 -11.51 -20.67
CA PRO B 129 -20.70 -12.96 -20.63
C PRO B 129 -20.63 -13.57 -19.22
N TYR B 130 -20.76 -12.73 -18.21
CA TYR B 130 -20.66 -13.21 -16.84
C TYR B 130 -21.88 -13.99 -16.36
N ALA B 131 -23.07 -13.46 -16.62
CA ALA B 131 -24.30 -14.09 -16.18
C ALA B 131 -24.57 -15.44 -16.83
N ASP B 132 -25.27 -16.30 -16.10
CA ASP B 132 -25.65 -17.60 -16.61
C ASP B 132 -27.13 -17.53 -17.01
N GLY B 133 -27.63 -16.32 -17.17
CA GLY B 133 -29.02 -16.11 -17.56
C GLY B 133 -30.10 -16.52 -16.58
N THR B 134 -29.72 -16.94 -15.36
CA THR B 134 -30.72 -17.37 -14.39
C THR B 134 -31.09 -16.36 -13.31
N GLY B 135 -30.37 -15.24 -13.27
CA GLY B 135 -30.67 -14.23 -12.27
C GLY B 135 -31.80 -13.34 -12.78
N ASN B 136 -32.10 -12.29 -12.02
CA ASN B 136 -33.15 -11.35 -12.43
C ASN B 136 -32.53 -10.24 -13.27
N PRO B 137 -33.35 -9.52 -14.05
CA PRO B 137 -32.83 -8.43 -14.86
C PRO B 137 -32.33 -7.27 -13.99
N ASP B 138 -31.36 -6.54 -14.50
CA ASP B 138 -30.76 -5.40 -13.83
C ASP B 138 -31.81 -4.35 -13.49
N THR B 139 -31.83 -3.89 -12.26
CA THR B 139 -32.80 -2.88 -11.82
C THR B 139 -32.40 -1.46 -12.23
N GLY B 140 -31.21 -1.33 -12.83
CA GLY B 140 -30.72 -0.05 -13.28
C GLY B 140 -29.72 -0.22 -14.41
N ALA B 141 -28.88 0.78 -14.62
CA ALA B 141 -27.87 0.75 -15.65
C ALA B 141 -26.85 -0.34 -15.40
N ASP B 142 -26.17 -0.75 -16.46
CA ASP B 142 -25.14 -1.76 -16.36
C ASP B 142 -23.77 -1.07 -16.38
N PHE B 143 -22.81 -1.65 -15.66
CA PHE B 143 -21.45 -1.13 -15.63
C PHE B 143 -20.69 -2.14 -16.47
N GLY B 144 -20.28 -1.71 -17.65
CA GLY B 144 -19.59 -2.59 -18.59
C GLY B 144 -18.33 -3.35 -18.21
N ALA B 145 -17.51 -2.80 -17.34
CA ALA B 145 -16.26 -3.47 -16.97
C ALA B 145 -16.36 -4.61 -15.97
N ALA B 146 -17.54 -4.87 -15.42
CA ALA B 146 -17.65 -5.92 -14.42
C ALA B 146 -19.06 -6.47 -14.28
N PRO B 147 -19.17 -7.70 -13.77
CA PRO B 147 -20.51 -8.28 -13.59
C PRO B 147 -21.36 -7.46 -12.63
N ASP B 148 -22.59 -7.20 -13.03
CA ASP B 148 -23.53 -6.44 -12.21
C ASP B 148 -24.27 -7.40 -11.30
N ILE B 149 -24.52 -6.94 -10.09
CA ILE B 149 -25.18 -7.73 -9.07
C ILE B 149 -26.70 -7.66 -9.17
N ASP B 150 -27.33 -8.81 -9.02
CA ASP B 150 -28.78 -8.92 -9.06
C ASP B 150 -29.28 -8.60 -7.66
N HIS B 151 -29.61 -7.33 -7.45
CA HIS B 151 -30.09 -6.86 -6.16
C HIS B 151 -31.50 -7.30 -5.79
N LEU B 152 -32.12 -8.08 -6.66
CA LEU B 152 -33.45 -8.62 -6.43
C LEU B 152 -33.33 -10.01 -5.76
N ASN B 153 -32.13 -10.57 -5.80
CA ASN B 153 -31.83 -11.87 -5.20
C ASN B 153 -31.82 -11.68 -3.69
N LEU B 154 -32.71 -12.37 -3.00
CA LEU B 154 -32.81 -12.23 -1.55
C LEU B 154 -31.55 -12.54 -0.76
N ARG B 155 -30.75 -13.51 -1.18
CA ARG B 155 -29.50 -13.82 -0.46
C ARG B 155 -28.50 -12.66 -0.61
N VAL B 156 -28.52 -12.02 -1.78
CA VAL B 156 -27.63 -10.88 -2.04
C VAL B 156 -28.01 -9.79 -1.05
N GLN B 157 -29.31 -9.52 -0.96
CA GLN B 157 -29.83 -8.51 -0.05
C GLN B 157 -29.40 -8.79 1.39
N LYS B 158 -29.59 -10.02 1.85
CA LYS B 158 -29.24 -10.40 3.22
C LYS B 158 -27.73 -10.26 3.51
N GLU B 159 -26.89 -10.82 2.65
CA GLU B 159 -25.45 -10.76 2.88
C GLU B 159 -24.85 -9.35 2.78
N LEU B 160 -25.38 -8.53 1.87
CA LEU B 160 -24.91 -7.17 1.74
C LEU B 160 -25.26 -6.36 2.98
N VAL B 161 -26.45 -6.59 3.53
CA VAL B 161 -26.87 -5.87 4.73
C VAL B 161 -25.97 -6.27 5.90
N GLU B 162 -25.63 -7.55 6.00
CA GLU B 162 -24.74 -8.01 7.07
C GLU B 162 -23.38 -7.36 6.92
N TRP B 163 -22.90 -7.29 5.68
CA TRP B 163 -21.61 -6.67 5.38
C TRP B 163 -21.64 -5.20 5.79
N LEU B 164 -22.72 -4.50 5.42
CA LEU B 164 -22.88 -3.09 5.76
C LEU B 164 -22.90 -2.91 7.28
N ASN B 165 -23.64 -3.76 7.98
CA ASN B 165 -23.73 -3.68 9.44
C ASN B 165 -22.37 -3.96 10.07
N TRP B 166 -21.53 -4.71 9.38
CA TRP B 166 -20.20 -5.05 9.86
C TRP B 166 -19.27 -3.83 9.78
N LEU B 167 -19.31 -3.13 8.65
CA LEU B 167 -18.49 -1.94 8.45
C LEU B 167 -18.85 -0.94 9.54
N LYS B 168 -20.16 -0.85 9.79
CA LYS B 168 -20.72 0.04 10.79
C LYS B 168 -20.30 -0.36 12.21
N ALA B 169 -20.50 -1.63 12.57
CA ALA B 169 -20.18 -2.13 13.91
C ALA B 169 -18.71 -2.40 14.20
N ASP B 170 -18.10 -3.31 13.42
CA ASP B 170 -16.71 -3.67 13.62
C ASP B 170 -15.73 -2.57 13.24
N ILE B 171 -15.99 -1.90 12.12
CA ILE B 171 -15.08 -0.88 11.62
C ILE B 171 -15.28 0.54 12.14
N GLY B 172 -16.54 0.95 12.33
CA GLY B 172 -16.81 2.28 12.86
C GLY B 172 -17.43 3.31 11.91
N PHE B 173 -17.73 2.89 10.69
CA PHE B 173 -18.34 3.80 9.71
C PHE B 173 -19.71 4.31 10.16
N ASP B 174 -19.98 5.58 9.87
CA ASP B 174 -21.23 6.21 10.25
C ASP B 174 -22.25 6.33 9.13
N GLY B 175 -21.77 6.41 7.90
CA GLY B 175 -22.67 6.56 6.78
C GLY B 175 -22.12 6.03 5.50
N TRP B 176 -22.94 6.07 4.44
CA TRP B 176 -22.53 5.55 3.14
C TRP B 176 -22.58 6.54 1.99
N ARG B 177 -21.73 6.29 1.00
CA ARG B 177 -21.63 7.09 -0.23
C ARG B 177 -21.94 6.01 -1.27
N PHE B 178 -23.10 6.09 -1.92
CA PHE B 178 -23.46 5.07 -2.90
C PHE B 178 -22.91 5.33 -4.27
N ASP B 179 -21.95 4.50 -4.66
CA ASP B 179 -21.31 4.59 -5.95
C ASP B 179 -22.20 4.08 -7.09
N PHE B 180 -22.22 4.83 -8.19
CA PHE B 180 -22.97 4.46 -9.39
C PHE B 180 -24.39 4.05 -9.00
N ALA B 181 -25.08 4.95 -8.30
CA ALA B 181 -26.44 4.67 -7.84
C ALA B 181 -27.44 4.49 -8.97
N LYS B 182 -27.09 4.96 -10.16
CA LYS B 182 -27.99 4.77 -11.30
C LYS B 182 -27.95 3.31 -11.75
N GLY B 183 -27.04 2.53 -11.16
CA GLY B 183 -26.91 1.12 -11.51
C GLY B 183 -28.02 0.22 -10.97
N TYR B 184 -28.77 0.71 -9.99
CA TYR B 184 -29.85 -0.05 -9.41
C TYR B 184 -30.96 0.91 -9.01
N SER B 185 -32.17 0.38 -8.82
CA SER B 185 -33.34 1.19 -8.48
C SER B 185 -33.35 1.81 -7.10
N ALA B 186 -34.15 2.85 -6.95
CA ALA B 186 -34.30 3.54 -5.67
C ALA B 186 -34.88 2.55 -4.67
N ASP B 187 -35.72 1.66 -5.16
CA ASP B 187 -36.36 0.63 -4.34
C ASP B 187 -35.34 -0.27 -3.65
N VAL B 188 -34.29 -0.63 -4.39
CA VAL B 188 -33.23 -1.47 -3.87
C VAL B 188 -32.36 -0.66 -2.91
N ALA B 189 -32.05 0.59 -3.29
CA ALA B 189 -31.24 1.44 -2.45
C ALA B 189 -31.93 1.56 -1.09
N LYS B 190 -33.25 1.78 -1.13
CA LYS B 190 -34.06 1.92 0.07
C LYS B 190 -33.88 0.77 1.05
N ILE B 191 -33.86 -0.45 0.53
CA ILE B 191 -33.69 -1.62 1.38
C ILE B 191 -32.38 -1.57 2.16
N TYR B 192 -31.28 -1.24 1.49
CA TYR B 192 -29.98 -1.17 2.15
C TYR B 192 -29.86 -0.02 3.16
N ILE B 193 -30.45 1.11 2.83
CA ILE B 193 -30.42 2.27 3.72
C ILE B 193 -31.27 1.96 4.96
N ASP B 194 -32.53 1.60 4.73
CA ASP B 194 -33.45 1.29 5.83
C ASP B 194 -32.87 0.24 6.77
N ARG B 195 -32.41 -0.86 6.20
CA ARG B 195 -31.85 -1.96 6.96
C ARG B 195 -30.55 -1.67 7.70
N SER B 196 -29.63 -0.93 7.08
CA SER B 196 -28.37 -0.63 7.75
C SER B 196 -28.46 0.54 8.71
N GLU B 197 -29.47 1.38 8.54
CA GLU B 197 -29.69 2.55 9.39
C GLU B 197 -28.48 3.47 9.54
N PRO B 198 -28.03 4.10 8.44
CA PRO B 198 -26.87 5.00 8.54
C PRO B 198 -27.26 6.39 9.05
N SER B 199 -26.33 7.10 9.67
CA SER B 199 -26.64 8.43 10.15
C SER B 199 -26.70 9.38 8.95
N PHE B 200 -25.86 9.11 7.94
CA PHE B 200 -25.81 9.92 6.73
C PHE B 200 -25.66 9.03 5.51
N ALA B 201 -26.25 9.46 4.40
CA ALA B 201 -26.19 8.72 3.15
C ALA B 201 -26.34 9.65 1.96
N VAL B 202 -25.47 9.50 0.97
CA VAL B 202 -25.52 10.32 -0.23
C VAL B 202 -25.28 9.43 -1.43
N ALA B 203 -26.10 9.57 -2.46
CA ALA B 203 -25.96 8.75 -3.65
C ALA B 203 -25.37 9.53 -4.82
N GLU B 204 -24.61 8.81 -5.65
CA GLU B 204 -24.03 9.40 -6.83
C GLU B 204 -24.90 9.02 -8.02
N ILE B 205 -25.70 9.97 -8.50
CA ILE B 205 -26.58 9.77 -9.65
C ILE B 205 -26.02 10.78 -10.66
N TRP B 206 -25.35 10.28 -11.70
CA TRP B 206 -24.74 11.17 -12.67
C TRP B 206 -25.27 10.96 -14.08
N THR B 207 -26.07 11.90 -14.56
CA THR B 207 -26.62 11.83 -15.91
C THR B 207 -26.30 13.15 -16.61
N SER B 208 -26.30 13.14 -17.93
CA SER B 208 -25.99 14.33 -18.71
C SER B 208 -27.00 15.44 -18.55
N LEU B 209 -26.52 16.68 -18.65
CA LEU B 209 -27.36 17.87 -18.56
C LEU B 209 -28.03 18.04 -19.94
N ALA B 210 -28.98 18.97 -20.04
CA ALA B 210 -29.62 19.21 -21.32
C ALA B 210 -28.74 20.26 -22.01
N TYR B 211 -28.43 20.04 -23.29
CA TYR B 211 -27.57 20.95 -24.04
C TYR B 211 -28.19 21.65 -25.24
N GLY B 212 -27.60 22.79 -25.59
CA GLY B 212 -28.05 23.57 -26.73
C GLY B 212 -27.14 23.40 -27.92
N GLY B 213 -27.62 23.83 -29.08
CA GLY B 213 -26.87 23.70 -30.32
C GLY B 213 -25.52 24.42 -30.37
N ASP B 214 -25.17 25.09 -29.29
CA ASP B 214 -23.88 25.80 -29.21
C ASP B 214 -22.88 25.05 -28.33
N GLY B 215 -23.20 23.81 -27.95
CA GLY B 215 -22.31 23.03 -27.14
C GLY B 215 -22.34 23.34 -25.66
N LYS B 216 -23.17 24.31 -25.26
CA LYS B 216 -23.28 24.69 -23.87
C LYS B 216 -24.61 24.30 -23.26
N PRO B 217 -24.65 24.17 -21.93
CA PRO B 217 -25.87 23.81 -21.22
C PRO B 217 -27.01 24.79 -21.43
N ASN B 218 -28.23 24.25 -21.40
CA ASN B 218 -29.42 25.08 -21.51
C ASN B 218 -29.54 25.83 -20.18
N LEU B 219 -30.15 27.01 -20.20
CA LEU B 219 -30.31 27.78 -18.97
C LEU B 219 -31.19 26.94 -18.02
N ASN B 220 -32.26 26.34 -18.55
CA ASN B 220 -33.13 25.52 -17.72
C ASN B 220 -32.66 24.06 -17.65
N GLN B 221 -32.57 23.53 -16.43
CA GLN B 221 -32.16 22.13 -16.21
C GLN B 221 -33.13 21.42 -15.27
N ASP B 222 -34.43 21.68 -15.45
CA ASP B 222 -35.46 21.07 -14.60
C ASP B 222 -35.56 19.56 -14.68
N GLN B 223 -35.39 19.03 -15.88
CA GLN B 223 -35.47 17.59 -16.15
C GLN B 223 -34.31 16.88 -15.43
N HIS B 224 -33.17 17.57 -15.32
CA HIS B 224 -32.01 17.01 -14.67
C HIS B 224 -32.16 16.97 -13.16
N ARG B 225 -32.61 18.05 -12.56
CA ARG B 225 -32.77 18.04 -11.10
C ARG B 225 -33.98 17.23 -10.69
N GLN B 226 -34.98 17.18 -11.55
CA GLN B 226 -36.19 16.41 -11.30
C GLN B 226 -35.80 14.97 -10.99
N GLU B 227 -34.94 14.43 -11.85
CA GLU B 227 -34.43 13.07 -11.74
C GLU B 227 -33.82 12.78 -10.37
N LEU B 228 -33.08 13.76 -9.84
CA LEU B 228 -32.43 13.63 -8.54
C LEU B 228 -33.47 13.65 -7.42
N VAL B 229 -34.40 14.60 -7.52
CA VAL B 229 -35.47 14.73 -6.54
C VAL B 229 -36.34 13.48 -6.51
N ASN B 230 -36.50 12.84 -7.67
CA ASN B 230 -37.28 11.62 -7.77
C ASN B 230 -36.66 10.48 -7.00
N TRP B 231 -35.34 10.36 -7.09
CA TRP B 231 -34.64 9.29 -6.38
C TRP B 231 -34.83 9.42 -4.86
N VAL B 232 -34.57 10.61 -4.32
CA VAL B 232 -34.70 10.82 -2.88
C VAL B 232 -36.11 10.52 -2.39
N ASP B 233 -37.10 10.99 -3.15
CA ASP B 233 -38.50 10.77 -2.83
C ASP B 233 -38.80 9.28 -2.58
N LYS B 234 -38.50 8.45 -3.56
CA LYS B 234 -38.75 7.02 -3.43
C LYS B 234 -37.94 6.34 -2.35
N VAL B 235 -36.74 6.83 -2.09
CA VAL B 235 -35.91 6.19 -1.09
C VAL B 235 -36.40 6.55 0.31
N GLY B 236 -37.05 7.69 0.42
CA GLY B 236 -37.56 8.13 1.71
C GLY B 236 -37.20 9.57 2.03
N GLY B 237 -38.16 10.45 1.85
CA GLY B 237 -37.94 11.86 2.12
C GLY B 237 -37.57 12.15 3.57
N LYS B 238 -37.97 11.29 4.49
CA LYS B 238 -37.67 11.51 5.89
C LYS B 238 -36.44 10.77 6.37
N GLY B 239 -35.86 9.95 5.49
CA GLY B 239 -34.66 9.20 5.84
C GLY B 239 -33.40 10.03 5.70
N PRO B 240 -32.21 9.44 5.90
CA PRO B 240 -30.95 10.19 5.78
C PRO B 240 -30.39 10.28 4.36
N ALA B 241 -31.16 9.85 3.36
CA ALA B 241 -30.71 9.85 1.98
C ALA B 241 -30.68 11.19 1.23
N THR B 242 -29.54 11.48 0.63
CA THR B 242 -29.32 12.70 -0.15
C THR B 242 -28.63 12.31 -1.47
N THR B 243 -28.47 13.26 -2.39
CA THR B 243 -27.80 12.99 -3.66
C THR B 243 -26.86 14.15 -3.98
N PHE B 244 -25.79 13.86 -4.71
CA PHE B 244 -24.87 14.90 -5.10
C PHE B 244 -25.59 15.79 -6.11
N ASP B 245 -25.46 17.09 -5.92
CA ASP B 245 -26.08 18.05 -6.80
C ASP B 245 -25.22 18.27 -8.04
N PHE B 246 -25.33 17.36 -9.02
CA PHE B 246 -24.60 17.48 -10.27
C PHE B 246 -25.15 18.60 -11.15
N THR B 247 -26.40 18.99 -10.91
CA THR B 247 -27.00 20.06 -11.70
C THR B 247 -26.25 21.37 -11.42
N THR B 248 -26.04 21.67 -10.15
CA THR B 248 -25.34 22.89 -9.74
C THR B 248 -23.89 22.87 -10.20
N LYS B 249 -23.24 21.72 -10.07
CA LYS B 249 -21.86 21.55 -10.52
C LYS B 249 -21.74 21.84 -12.02
N GLY B 250 -22.58 21.19 -12.82
CA GLY B 250 -22.53 21.42 -14.25
C GLY B 250 -22.76 22.86 -14.68
N ILE B 251 -23.76 23.49 -14.06
CA ILE B 251 -24.11 24.88 -14.37
C ILE B 251 -23.00 25.82 -13.89
N LEU B 252 -22.52 25.57 -12.68
CA LEU B 252 -21.48 26.38 -12.05
C LEU B 252 -20.18 26.31 -12.87
N ASN B 253 -19.96 25.17 -13.51
CA ASN B 253 -18.77 24.95 -14.32
C ASN B 253 -18.66 26.01 -15.39
N VAL B 254 -19.77 26.30 -16.06
CA VAL B 254 -19.80 27.27 -17.14
C VAL B 254 -20.17 28.68 -16.72
N ALA B 255 -21.02 28.82 -15.71
CA ALA B 255 -21.47 30.13 -15.24
C ALA B 255 -20.32 31.03 -14.80
N VAL B 256 -19.34 30.40 -14.16
CA VAL B 256 -18.18 31.08 -13.63
C VAL B 256 -17.31 31.76 -14.69
N GLU B 257 -17.46 31.38 -15.96
CA GLU B 257 -16.66 31.99 -17.02
C GLU B 257 -17.39 33.04 -17.82
N GLY B 258 -17.78 34.11 -17.13
CA GLY B 258 -18.46 35.21 -17.77
C GLY B 258 -19.93 35.03 -18.08
N GLU B 259 -20.57 34.04 -17.48
CA GLU B 259 -21.99 33.82 -17.72
C GLU B 259 -22.70 33.61 -16.40
N LEU B 260 -22.50 34.53 -15.46
CA LEU B 260 -23.12 34.40 -14.15
C LEU B 260 -24.65 34.47 -14.16
N TRP B 261 -25.23 34.92 -15.27
CA TRP B 261 -26.69 34.99 -15.38
C TRP B 261 -27.28 33.58 -15.25
N ARG B 262 -26.46 32.57 -15.52
CA ARG B 262 -26.90 31.18 -15.44
C ARG B 262 -27.29 30.79 -14.03
N LEU B 263 -26.84 31.58 -13.05
CA LEU B 263 -27.12 31.27 -11.66
C LEU B 263 -28.51 31.65 -11.15
N ARG B 264 -29.32 32.27 -11.99
CA ARG B 264 -30.67 32.62 -11.58
C ARG B 264 -31.62 31.92 -12.54
N GLY B 265 -32.45 31.04 -11.99
CA GLY B 265 -33.39 30.31 -12.82
C GLY B 265 -34.46 31.22 -13.40
N THR B 266 -35.24 30.69 -14.33
CA THR B 266 -36.31 31.45 -14.96
C THR B 266 -37.38 31.85 -13.95
N ASP B 267 -37.38 31.15 -12.80
CA ASP B 267 -38.33 31.42 -11.72
C ASP B 267 -37.68 32.21 -10.58
N GLY B 268 -36.53 32.81 -10.86
CA GLY B 268 -35.81 33.58 -9.84
C GLY B 268 -35.06 32.81 -8.79
N LYS B 269 -35.22 31.48 -8.77
CA LYS B 269 -34.53 30.65 -7.79
C LYS B 269 -33.28 29.98 -8.33
N ALA B 270 -32.49 29.38 -7.43
CA ALA B 270 -31.26 28.68 -7.82
C ALA B 270 -31.64 27.62 -8.85
N PRO B 271 -30.89 27.52 -9.94
CA PRO B 271 -31.18 26.53 -11.01
C PRO B 271 -30.86 25.05 -10.74
N GLY B 272 -30.03 24.76 -9.75
CA GLY B 272 -29.69 23.38 -9.45
C GLY B 272 -30.66 22.72 -8.50
N MET B 273 -30.30 21.53 -7.99
CA MET B 273 -31.17 20.81 -7.07
C MET B 273 -31.48 21.63 -5.82
N ILE B 274 -30.53 22.45 -5.37
CA ILE B 274 -30.75 23.30 -4.20
C ILE B 274 -31.87 24.33 -4.42
N GLY B 275 -32.31 24.48 -5.66
CA GLY B 275 -33.38 25.42 -5.94
C GLY B 275 -34.71 24.77 -5.66
N TRP B 276 -34.71 23.45 -5.58
CA TRP B 276 -35.93 22.68 -5.34
C TRP B 276 -35.96 21.99 -3.99
N TRP B 277 -34.95 21.20 -3.67
CA TRP B 277 -34.94 20.48 -2.41
C TRP B 277 -33.54 20.56 -1.76
N PRO B 278 -33.12 21.76 -1.34
CA PRO B 278 -31.81 21.99 -0.72
C PRO B 278 -31.45 21.04 0.40
N ALA B 279 -32.44 20.62 1.18
CA ALA B 279 -32.18 19.73 2.30
C ALA B 279 -31.57 18.40 1.86
N LYS B 280 -31.93 17.96 0.66
CA LYS B 280 -31.46 16.68 0.15
C LYS B 280 -30.34 16.76 -0.89
N ALA B 281 -29.69 17.92 -0.97
CA ALA B 281 -28.63 18.13 -1.95
C ALA B 281 -27.24 18.31 -1.35
N VAL B 282 -26.25 17.63 -1.94
CA VAL B 282 -24.85 17.74 -1.52
C VAL B 282 -24.11 18.42 -2.68
N THR B 283 -23.68 19.64 -2.45
CA THR B 283 -22.99 20.44 -3.46
C THR B 283 -21.49 20.21 -3.46
N PHE B 284 -20.84 20.42 -4.60
CA PHE B 284 -19.39 20.22 -4.69
C PHE B 284 -18.81 20.98 -5.89
N VAL B 285 -17.50 21.18 -5.88
CA VAL B 285 -16.82 21.90 -6.95
C VAL B 285 -16.23 20.88 -7.90
N ASP B 286 -15.64 19.82 -7.34
CA ASP B 286 -15.05 18.75 -8.14
C ASP B 286 -14.89 17.54 -7.23
N ASN B 287 -14.71 16.38 -7.84
CA ASN B 287 -14.47 15.15 -7.09
C ASN B 287 -13.36 14.37 -7.82
N HIS B 288 -13.06 13.15 -7.37
CA HIS B 288 -12.01 12.34 -7.98
C HIS B 288 -12.22 11.99 -9.46
N ASP B 289 -13.47 12.02 -9.91
CA ASP B 289 -13.83 11.72 -11.31
C ASP B 289 -13.78 12.97 -12.16
N THR B 290 -14.54 13.98 -11.73
CA THR B 290 -14.64 15.23 -12.47
C THR B 290 -13.34 16.00 -12.57
N GLY B 291 -12.55 15.97 -11.51
CA GLY B 291 -11.29 16.67 -11.51
C GLY B 291 -10.17 15.69 -11.27
N SER B 292 -9.29 16.01 -10.31
CA SER B 292 -8.17 15.12 -10.00
C SER B 292 -7.40 14.72 -11.27
N THR B 293 -7.12 13.43 -11.39
CA THR B 293 -6.36 12.87 -12.49
C THR B 293 -7.23 12.25 -13.56
N GLN B 294 -8.54 12.40 -13.45
CA GLN B 294 -9.47 11.86 -14.44
C GLN B 294 -10.00 12.90 -15.39
N HIS B 295 -10.13 14.15 -14.92
CA HIS B 295 -10.58 15.27 -15.75
C HIS B 295 -11.91 15.04 -16.53
N MET B 296 -12.89 14.36 -15.95
CA MET B 296 -14.14 14.13 -16.67
C MET B 296 -15.05 15.35 -16.81
N TRP B 297 -14.89 16.34 -15.96
CA TRP B 297 -15.76 17.52 -16.01
C TRP B 297 -15.19 18.53 -15.03
N PRO B 298 -13.94 18.96 -15.26
CA PRO B 298 -13.27 19.91 -14.38
C PRO B 298 -13.82 21.32 -14.29
N PHE B 299 -13.77 21.86 -13.08
CA PHE B 299 -14.20 23.23 -12.81
C PHE B 299 -13.00 24.06 -13.27
N PRO B 300 -13.24 25.20 -13.94
CA PRO B 300 -12.13 26.05 -14.40
C PRO B 300 -11.19 26.27 -13.22
N SER B 301 -9.99 25.70 -13.31
CA SER B 301 -9.00 25.74 -12.24
C SER B 301 -8.68 27.09 -11.61
N ASP B 302 -8.64 28.15 -12.41
CA ASP B 302 -8.33 29.46 -11.85
C ASP B 302 -9.53 30.14 -11.22
N ARG B 303 -10.67 29.46 -11.23
CA ARG B 303 -11.88 30.01 -10.65
C ARG B 303 -12.52 29.14 -9.57
N VAL B 304 -11.77 28.20 -9.00
CA VAL B 304 -12.35 27.32 -7.99
C VAL B 304 -12.82 28.01 -6.72
N MET B 305 -12.23 29.14 -6.37
CA MET B 305 -12.67 29.86 -5.17
C MET B 305 -14.05 30.44 -5.34
N GLN B 306 -14.41 30.82 -6.56
CA GLN B 306 -15.77 31.31 -6.80
C GLN B 306 -16.70 30.11 -6.56
N GLY B 307 -16.22 28.92 -6.94
CA GLY B 307 -17.00 27.71 -6.72
C GLY B 307 -17.24 27.53 -5.24
N TYR B 308 -16.17 27.68 -4.45
CA TYR B 308 -16.30 27.54 -3.00
C TYR B 308 -17.10 28.67 -2.34
N ALA B 309 -16.99 29.88 -2.86
CA ALA B 309 -17.74 31.02 -2.32
C ALA B 309 -19.22 30.70 -2.48
N TYR B 310 -19.57 30.11 -3.62
CA TYR B 310 -20.94 29.73 -3.89
C TYR B 310 -21.40 28.63 -2.92
N ILE B 311 -20.86 27.42 -3.05
CA ILE B 311 -21.32 26.34 -2.20
C ILE B 311 -21.18 26.47 -0.69
N LEU B 312 -20.13 27.12 -0.21
CA LEU B 312 -19.94 27.25 1.24
C LEU B 312 -20.89 28.23 1.94
N THR B 313 -21.59 29.06 1.16
CA THR B 313 -22.52 30.03 1.72
C THR B 313 -23.98 29.70 1.41
N HIS B 314 -24.20 28.89 0.38
CA HIS B 314 -25.54 28.53 -0.08
C HIS B 314 -26.15 27.30 0.59
N PRO B 315 -27.48 27.11 0.44
CA PRO B 315 -28.20 25.97 1.01
C PRO B 315 -27.63 24.66 0.44
N GLY B 316 -28.05 23.53 1.01
CA GLY B 316 -27.54 22.24 0.59
C GLY B 316 -26.36 22.00 1.50
N THR B 317 -25.79 20.81 1.47
CA THR B 317 -24.63 20.48 2.31
C THR B 317 -23.40 20.52 1.41
N PRO B 318 -22.46 21.44 1.69
CA PRO B 318 -21.24 21.54 0.87
C PRO B 318 -20.26 20.42 1.13
N CYS B 319 -19.60 19.98 0.07
CA CYS B 319 -18.60 18.93 0.15
C CYS B 319 -17.30 19.49 -0.43
N ILE B 320 -16.28 19.55 0.41
CA ILE B 320 -14.97 20.07 0.04
C ILE B 320 -14.06 18.98 -0.54
N PHE B 321 -13.35 19.28 -1.62
CA PHE B 321 -12.47 18.29 -2.23
C PHE B 321 -11.07 18.38 -1.64
N TYR B 322 -10.48 17.21 -1.37
CA TYR B 322 -9.14 17.12 -0.79
C TYR B 322 -8.09 18.05 -1.41
N ASP B 323 -7.85 17.89 -2.71
CA ASP B 323 -6.85 18.67 -3.43
C ASP B 323 -6.89 20.18 -3.21
N HIS B 324 -8.09 20.75 -3.32
CA HIS B 324 -8.28 22.18 -3.15
C HIS B 324 -7.92 22.65 -1.75
N PHE B 325 -8.22 21.84 -0.75
CA PHE B 325 -7.95 22.16 0.64
C PHE B 325 -6.48 22.11 1.01
N PHE B 326 -5.85 20.95 0.82
CA PHE B 326 -4.45 20.75 1.19
C PHE B 326 -3.39 21.01 0.13
N ASP B 327 -3.67 20.66 -1.12
CA ASP B 327 -2.69 20.80 -2.19
C ASP B 327 -2.58 22.10 -2.99
N TRP B 328 -3.70 22.75 -3.23
CA TRP B 328 -3.70 23.98 -4.02
C TRP B 328 -3.31 25.23 -3.24
N GLY B 329 -3.20 25.11 -1.92
CA GLY B 329 -2.84 26.25 -1.09
C GLY B 329 -4.00 27.23 -0.85
N LEU B 330 -5.21 26.71 -0.90
CA LEU B 330 -6.42 27.50 -0.70
C LEU B 330 -7.04 27.28 0.68
N LYS B 331 -6.41 26.42 1.49
CA LYS B 331 -6.91 26.10 2.83
C LYS B 331 -7.33 27.30 3.66
N GLU B 332 -6.51 28.34 3.66
CA GLU B 332 -6.81 29.54 4.42
C GLU B 332 -8.08 30.23 3.92
N GLU B 333 -8.27 30.25 2.60
CA GLU B 333 -9.45 30.87 2.03
C GLU B 333 -10.69 30.05 2.28
N ILE B 334 -10.54 28.74 2.23
CA ILE B 334 -11.66 27.83 2.47
C ILE B 334 -12.08 27.86 3.95
N ASP B 335 -11.09 27.85 4.85
CA ASP B 335 -11.37 27.88 6.29
C ASP B 335 -12.20 29.09 6.66
N ARG B 336 -11.83 30.24 6.09
CA ARG B 336 -12.53 31.48 6.34
C ARG B 336 -14.00 31.38 5.92
N LEU B 337 -14.24 30.75 4.77
CA LEU B 337 -15.58 30.56 4.24
C LEU B 337 -16.41 29.65 5.14
N VAL B 338 -15.81 28.56 5.60
CA VAL B 338 -16.52 27.63 6.48
C VAL B 338 -16.93 28.35 7.77
N SER B 339 -16.01 29.10 8.36
CA SER B 339 -16.30 29.86 9.59
C SER B 339 -17.53 30.74 9.42
N VAL B 340 -17.57 31.46 8.30
CA VAL B 340 -18.69 32.35 7.99
C VAL B 340 -19.99 31.55 8.06
N ARG B 341 -20.01 30.41 7.41
CA ARG B 341 -21.19 29.55 7.40
C ARG B 341 -21.61 29.16 8.81
N THR B 342 -20.68 28.57 9.55
CA THR B 342 -20.95 28.14 10.91
C THR B 342 -21.36 29.28 11.86
N ARG B 343 -20.59 30.37 11.86
CA ARG B 343 -20.87 31.52 12.71
C ARG B 343 -22.27 32.09 12.53
N HIS B 344 -22.78 32.01 11.31
CA HIS B 344 -24.12 32.53 11.04
C HIS B 344 -25.19 31.46 10.97
N GLY B 345 -24.87 30.28 11.50
CA GLY B 345 -25.80 29.18 11.53
C GLY B 345 -26.42 28.85 10.20
N ILE B 346 -25.63 29.00 9.14
CA ILE B 346 -26.11 28.68 7.81
C ILE B 346 -26.12 27.15 7.70
N HIS B 347 -27.21 26.63 7.14
CA HIS B 347 -27.40 25.19 7.00
C HIS B 347 -28.06 24.88 5.67
N ASN B 348 -28.21 23.58 5.39
CA ASN B 348 -28.79 23.09 4.16
C ASN B 348 -30.13 23.69 3.74
N GLU B 349 -30.91 24.16 4.71
CA GLU B 349 -32.21 24.74 4.41
C GLU B 349 -32.32 26.25 4.64
N SER B 350 -31.19 26.95 4.54
CA SER B 350 -31.22 28.40 4.72
C SER B 350 -31.97 29.04 3.56
N LYS B 351 -32.57 30.19 3.81
CA LYS B 351 -33.32 30.94 2.81
C LYS B 351 -32.35 31.67 1.91
N LEU B 352 -32.55 31.53 0.60
CA LEU B 352 -31.69 32.17 -0.38
C LEU B 352 -32.48 33.19 -1.18
N GLN B 353 -31.92 34.38 -1.33
CA GLN B 353 -32.54 35.45 -2.09
C GLN B 353 -31.51 35.98 -3.07
N ILE B 354 -31.70 35.67 -4.34
CA ILE B 354 -30.82 36.15 -5.38
C ILE B 354 -31.18 37.60 -5.72
N ILE B 355 -30.21 38.49 -5.54
CA ILE B 355 -30.37 39.91 -5.80
C ILE B 355 -30.06 40.28 -7.24
N GLU B 356 -28.95 39.78 -7.76
CA GLU B 356 -28.55 40.11 -9.10
C GLU B 356 -27.92 38.90 -9.75
N ALA B 357 -27.92 38.90 -11.07
CA ALA B 357 -27.31 37.81 -11.80
C ALA B 357 -27.08 38.26 -13.23
N ASP B 358 -26.01 39.03 -13.42
CA ASP B 358 -25.65 39.50 -14.75
C ASP B 358 -24.50 38.61 -15.22
N ALA B 359 -23.94 38.89 -16.38
CA ALA B 359 -22.84 38.09 -16.89
C ALA B 359 -21.60 38.25 -16.00
N ASP B 360 -21.40 39.44 -15.45
CA ASP B 360 -20.25 39.77 -14.61
C ASP B 360 -20.53 39.91 -13.12
N LEU B 361 -21.72 39.51 -12.67
CA LEU B 361 -22.06 39.63 -11.26
C LEU B 361 -23.22 38.74 -10.85
N TYR B 362 -23.06 38.14 -9.67
CA TYR B 362 -24.10 37.33 -9.04
C TYR B 362 -24.07 37.81 -7.59
N LEU B 363 -25.20 38.32 -7.11
CA LEU B 363 -25.26 38.81 -5.74
C LEU B 363 -26.42 38.07 -5.10
N ALA B 364 -26.17 37.47 -3.93
CA ALA B 364 -27.20 36.72 -3.25
C ALA B 364 -27.12 36.94 -1.76
N GLU B 365 -28.25 36.81 -1.08
CA GLU B 365 -28.32 36.99 0.35
C GLU B 365 -28.82 35.70 0.99
N ILE B 366 -28.15 35.25 2.04
CA ILE B 366 -28.53 34.01 2.70
C ILE B 366 -28.94 34.33 4.14
N ASP B 367 -30.21 34.08 4.47
CA ASP B 367 -30.74 34.30 5.81
C ASP B 367 -30.55 35.74 6.34
N GLY B 368 -30.43 36.71 5.44
CA GLY B 368 -30.23 38.09 5.87
C GLY B 368 -29.01 38.33 6.74
N LYS B 369 -28.16 37.32 6.87
CA LYS B 369 -26.95 37.40 7.70
C LYS B 369 -25.65 37.47 6.89
N VAL B 370 -25.70 36.96 5.66
CA VAL B 370 -24.53 36.91 4.79
C VAL B 370 -24.91 37.29 3.35
N ILE B 371 -24.03 38.03 2.69
CA ILE B 371 -24.23 38.43 1.29
C ILE B 371 -23.01 37.95 0.50
N VAL B 372 -23.23 37.24 -0.58
CA VAL B 372 -22.13 36.74 -1.40
C VAL B 372 -22.13 37.36 -2.79
N LYS B 373 -20.93 37.69 -3.27
CA LYS B 373 -20.76 38.28 -4.59
C LYS B 373 -19.78 37.45 -5.41
N LEU B 374 -20.16 37.15 -6.64
CA LEU B 374 -19.30 36.39 -7.55
C LEU B 374 -19.12 37.20 -8.82
N GLY B 375 -17.90 37.21 -9.36
CA GLY B 375 -17.66 37.94 -10.58
C GLY B 375 -16.69 39.10 -10.46
N PRO B 376 -16.28 39.70 -11.59
CA PRO B 376 -15.34 40.81 -11.64
C PRO B 376 -15.93 42.21 -11.43
N ARG B 377 -17.24 42.32 -11.33
CA ARG B 377 -17.89 43.62 -11.12
C ARG B 377 -17.19 44.27 -9.94
N TYR B 378 -16.37 45.27 -10.23
CA TYR B 378 -15.57 45.98 -9.24
C TYR B 378 -16.26 46.57 -8.01
N ASP B 379 -17.21 47.48 -8.24
CA ASP B 379 -17.88 48.16 -7.14
C ASP B 379 -19.39 47.86 -7.08
N VAL B 380 -19.80 47.16 -6.03
CA VAL B 380 -21.21 46.86 -5.82
C VAL B 380 -21.59 47.45 -4.47
N GLY B 381 -20.84 48.47 -4.05
CA GLY B 381 -21.08 49.12 -2.77
C GLY B 381 -22.46 49.67 -2.56
N ASN B 382 -23.06 50.19 -3.62
CA ASN B 382 -24.41 50.76 -3.55
C ASN B 382 -25.50 49.67 -3.51
N LEU B 383 -25.07 48.41 -3.39
CA LEU B 383 -26.01 47.29 -3.32
C LEU B 383 -25.98 46.62 -1.96
N ILE B 384 -24.85 46.72 -1.27
CA ILE B 384 -24.77 46.09 0.04
C ILE B 384 -25.18 47.08 1.13
N PRO B 385 -26.22 46.73 1.90
CA PRO B 385 -26.77 47.55 2.98
C PRO B 385 -25.85 47.78 4.18
N GLY B 386 -26.24 48.74 5.01
CA GLY B 386 -25.46 49.05 6.20
C GLY B 386 -25.53 47.93 7.21
N GLY B 387 -24.58 47.90 8.12
CA GLY B 387 -24.55 46.86 9.13
C GLY B 387 -23.97 45.59 8.53
N PHE B 388 -23.10 45.75 7.54
CA PHE B 388 -22.45 44.62 6.89
C PHE B 388 -20.95 44.86 6.74
N LYS B 389 -20.17 43.88 7.16
CA LYS B 389 -18.70 43.95 7.08
C LYS B 389 -18.18 42.83 6.18
N VAL B 390 -17.10 43.11 5.45
CA VAL B 390 -16.51 42.11 4.58
C VAL B 390 -15.92 41.01 5.44
N ALA B 391 -16.39 39.79 5.26
CA ALA B 391 -15.90 38.66 6.02
C ALA B 391 -14.75 38.01 5.28
N ALA B 392 -14.83 38.00 3.95
CA ALA B 392 -13.78 37.37 3.16
C ALA B 392 -13.89 37.84 1.72
N HIS B 393 -12.80 37.72 0.97
CA HIS B 393 -12.79 38.11 -0.42
C HIS B 393 -11.50 37.64 -1.10
N GLY B 394 -11.56 37.50 -2.42
CA GLY B 394 -10.41 37.03 -3.16
C GLY B 394 -10.63 37.21 -4.64
N ASN B 395 -10.22 36.21 -5.41
CA ASN B 395 -10.35 36.26 -6.86
C ASN B 395 -11.80 36.19 -7.34
N ASP B 396 -12.32 37.34 -7.74
CA ASP B 396 -13.69 37.44 -8.23
C ASP B 396 -14.80 36.96 -7.29
N TYR B 397 -14.61 37.19 -6.00
CA TYR B 397 -15.62 36.83 -5.01
C TYR B 397 -15.41 37.66 -3.76
N ALA B 398 -16.49 37.98 -3.07
CA ALA B 398 -16.41 38.76 -1.84
C ALA B 398 -17.60 38.33 -1.01
N VAL B 399 -17.44 38.34 0.30
CA VAL B 399 -18.50 37.92 1.20
C VAL B 399 -18.65 38.91 2.35
N TRP B 400 -19.87 39.37 2.56
CA TRP B 400 -20.20 40.31 3.63
C TRP B 400 -21.07 39.60 4.68
N GLU B 401 -20.90 39.97 5.94
CA GLU B 401 -21.67 39.40 7.04
C GLU B 401 -22.32 40.52 7.85
N LYS B 402 -23.44 40.19 8.48
CA LYS B 402 -24.18 41.15 9.29
C LYS B 402 -23.36 41.59 10.50
N ILE B 403 -23.47 42.89 10.79
CA ILE B 403 -22.79 43.60 11.88
C ILE B 403 -21.34 43.93 11.55
N ALA C 1 14.39 -30.04 -17.25
CA ALA C 1 15.01 -30.46 -15.96
C ALA C 1 13.95 -30.37 -14.87
N ASP C 2 14.38 -30.37 -13.61
CA ASP C 2 13.42 -30.30 -12.52
C ASP C 2 13.22 -28.93 -11.88
N PRO C 3 14.32 -28.27 -11.47
CA PRO C 3 14.15 -26.96 -10.83
C PRO C 3 13.56 -25.97 -11.80
N PRO C 4 12.61 -25.16 -11.35
CA PRO C 4 12.00 -24.16 -12.22
C PRO C 4 13.08 -23.21 -12.74
N PRO C 5 12.81 -22.50 -13.84
CA PRO C 5 13.83 -21.58 -14.34
C PRO C 5 13.84 -20.29 -13.54
N VAL C 6 14.92 -19.52 -13.68
CA VAL C 6 15.02 -18.24 -13.02
C VAL C 6 14.48 -17.28 -14.09
N HIS C 7 13.66 -16.32 -13.69
CA HIS C 7 13.08 -15.38 -14.65
C HIS C 7 13.65 -13.98 -14.50
N ASP C 8 13.74 -13.24 -15.60
CA ASP C 8 14.22 -11.88 -15.54
C ASP C 8 13.02 -10.99 -15.27
N THR C 9 13.24 -9.68 -15.25
CA THR C 9 12.16 -8.74 -14.99
C THR C 9 11.02 -8.74 -16.02
N ASP C 10 11.30 -9.22 -17.23
CA ASP C 10 10.31 -9.29 -18.30
C ASP C 10 9.64 -10.67 -18.33
N GLY C 11 9.85 -11.46 -17.29
CA GLY C 11 9.24 -12.78 -17.23
C GLY C 11 9.87 -13.88 -18.06
N HIS C 12 10.89 -13.57 -18.85
CA HIS C 12 11.53 -14.60 -19.66
C HIS C 12 12.55 -15.32 -18.79
N GLU C 13 12.91 -16.54 -19.17
CA GLU C 13 13.87 -17.32 -18.41
C GLU C 13 15.27 -16.82 -18.65
N LEU C 14 16.15 -17.03 -17.67
CA LEU C 14 17.54 -16.61 -17.76
C LEU C 14 18.27 -17.55 -18.73
N ARG C 15 19.04 -16.96 -19.65
CA ARG C 15 19.79 -17.73 -20.64
C ARG C 15 21.26 -17.68 -20.28
N ALA C 16 21.98 -18.77 -20.53
CA ALA C 16 23.40 -18.83 -20.23
C ALA C 16 24.27 -18.12 -21.28
N ASP C 17 23.62 -17.47 -22.25
CA ASP C 17 24.33 -16.75 -23.29
C ASP C 17 23.87 -15.30 -23.33
N ALA C 18 23.37 -14.81 -22.21
CA ALA C 18 22.90 -13.45 -22.11
C ALA C 18 23.46 -12.77 -20.87
N ASN C 19 23.49 -11.44 -20.89
CA ASN C 19 24.00 -10.67 -19.77
C ASN C 19 22.84 -10.05 -19.03
N TYR C 20 22.95 -10.03 -17.70
CA TYR C 20 21.89 -9.47 -16.86
C TYR C 20 22.45 -8.58 -15.78
N TYR C 21 21.66 -7.61 -15.35
CA TYR C 21 22.04 -6.73 -14.27
C TYR C 21 21.38 -7.36 -13.06
N VAL C 22 22.08 -7.44 -11.93
CA VAL C 22 21.48 -8.01 -10.74
C VAL C 22 21.18 -6.83 -9.81
N LEU C 23 19.91 -6.42 -9.87
CA LEU C 23 19.39 -5.29 -9.08
C LEU C 23 18.69 -5.71 -7.80
N SER C 24 18.42 -4.74 -6.94
CA SER C 24 17.71 -5.00 -5.69
C SER C 24 16.22 -5.09 -6.04
N ALA C 25 15.51 -6.01 -5.40
CA ALA C 25 14.08 -6.17 -5.62
C ALA C 25 13.36 -4.91 -5.15
N ASN C 26 13.93 -4.27 -4.14
CA ASN C 26 13.40 -3.03 -3.60
C ASN C 26 14.52 -2.02 -3.83
N ARG C 27 14.24 -1.01 -4.63
CA ARG C 27 15.21 0.03 -4.97
C ARG C 27 15.71 0.81 -3.76
N ALA C 28 15.00 0.70 -2.64
CA ALA C 28 15.40 1.39 -1.42
C ALA C 28 16.71 0.79 -0.92
N HIS C 29 17.03 -0.41 -1.39
CA HIS C 29 18.24 -1.09 -0.98
C HIS C 29 19.45 -0.79 -1.86
N GLY C 30 19.26 0.07 -2.86
CA GLY C 30 20.37 0.43 -3.73
C GLY C 30 20.33 -0.09 -5.15
N GLY C 31 21.40 0.18 -5.89
CA GLY C 31 21.48 -0.22 -7.28
C GLY C 31 22.05 -1.60 -7.53
N GLY C 32 22.53 -1.81 -8.75
CA GLY C 32 23.09 -3.08 -9.16
C GLY C 32 24.48 -3.41 -8.64
N LEU C 33 24.95 -4.60 -8.98
CA LEU C 33 26.26 -5.06 -8.53
C LEU C 33 27.38 -4.51 -9.40
N THR C 34 28.58 -4.43 -8.85
CA THR C 34 29.71 -3.89 -9.58
C THR C 34 30.98 -4.39 -8.88
N MET C 35 32.13 -3.83 -9.23
CA MET C 35 33.40 -4.23 -8.62
C MET C 35 34.08 -3.02 -8.01
N ALA C 36 34.72 -3.21 -6.86
CA ALA C 36 35.40 -2.12 -6.19
C ALA C 36 36.53 -2.58 -5.27
N PRO C 37 37.58 -1.76 -5.16
CA PRO C 37 38.71 -2.08 -4.29
C PRO C 37 38.24 -1.75 -2.88
N GLY C 38 39.04 -2.10 -1.87
CA GLY C 38 38.63 -1.78 -0.52
C GLY C 38 39.40 -2.51 0.53
N HIS C 39 39.19 -2.13 1.79
CA HIS C 39 39.86 -2.77 2.92
C HIS C 39 41.39 -2.79 2.79
N GLY C 40 41.93 -1.84 2.03
CA GLY C 40 43.36 -1.77 1.85
C GLY C 40 43.91 -2.48 0.63
N ARG C 41 43.12 -3.37 0.03
CA ARG C 41 43.56 -4.11 -1.16
C ARG C 41 43.30 -3.29 -2.40
N HIS C 42 44.24 -3.33 -3.33
CA HIS C 42 44.07 -2.63 -4.59
C HIS C 42 43.43 -3.66 -5.52
N CYS C 43 43.97 -4.88 -5.46
CA CYS C 43 43.48 -6.02 -6.23
C CYS C 43 43.69 -7.20 -5.29
N PRO C 44 42.83 -8.22 -5.36
CA PRO C 44 41.67 -8.31 -6.28
C PRO C 44 40.52 -7.41 -5.84
N LEU C 45 39.64 -7.09 -6.79
CA LEU C 45 38.48 -6.25 -6.53
C LEU C 45 37.38 -7.07 -5.86
N PHE C 46 36.64 -6.45 -4.95
CA PHE C 46 35.53 -7.11 -4.27
C PHE C 46 34.30 -6.95 -5.16
N VAL C 47 33.27 -7.74 -4.89
CA VAL C 47 32.02 -7.59 -5.62
C VAL C 47 31.30 -6.58 -4.73
N SER C 48 30.99 -5.43 -5.30
CA SER C 48 30.37 -4.35 -4.58
C SER C 48 28.97 -4.11 -5.10
N GLN C 49 28.22 -3.26 -4.41
CA GLN C 49 26.88 -2.90 -4.83
C GLN C 49 26.87 -1.39 -4.91
N ASP C 50 26.30 -0.85 -5.99
CA ASP C 50 26.24 0.60 -6.16
C ASP C 50 25.10 1.08 -5.27
N PRO C 51 25.38 2.02 -4.37
CA PRO C 51 24.35 2.54 -3.47
C PRO C 51 23.23 3.32 -4.14
N ASN C 52 23.49 3.83 -5.35
CA ASN C 52 22.54 4.62 -6.12
C ASN C 52 21.52 3.75 -6.83
N GLY C 53 20.25 3.88 -6.46
CA GLY C 53 19.19 3.09 -7.07
C GLY C 53 19.06 3.14 -8.58
N GLN C 54 19.42 4.26 -9.18
CA GLN C 54 19.32 4.42 -10.62
C GLN C 54 20.47 3.75 -11.38
N HIS C 55 21.45 3.25 -10.66
CA HIS C 55 22.60 2.60 -11.30
C HIS C 55 22.44 1.10 -11.44
N ASP C 56 22.47 0.62 -12.68
CA ASP C 56 22.31 -0.80 -12.97
C ASP C 56 23.57 -1.62 -12.67
N GLY C 57 24.71 -0.95 -12.51
CA GLY C 57 25.94 -1.63 -12.22
C GLY C 57 26.53 -2.28 -13.46
N PHE C 58 27.27 -3.36 -13.29
CA PHE C 58 27.89 -4.09 -14.40
C PHE C 58 27.08 -5.33 -14.77
N PRO C 59 26.96 -5.62 -16.07
CA PRO C 59 26.21 -6.82 -16.47
C PRO C 59 27.01 -8.05 -16.04
N VAL C 60 26.28 -9.10 -15.70
CA VAL C 60 26.84 -10.35 -15.22
C VAL C 60 26.49 -11.48 -16.20
N ARG C 61 27.37 -12.48 -16.24
CA ARG C 61 27.20 -13.65 -17.09
C ARG C 61 27.05 -14.84 -16.15
N ILE C 62 25.91 -15.51 -16.20
CA ILE C 62 25.64 -16.65 -15.32
C ILE C 62 25.80 -17.91 -16.17
N THR C 63 26.61 -18.83 -15.69
CA THR C 63 26.92 -20.05 -16.42
C THR C 63 26.83 -21.32 -15.59
N PRO C 64 26.09 -22.34 -16.09
CA PRO C 64 25.92 -23.62 -15.40
C PRO C 64 27.30 -24.12 -15.01
N TYR C 65 27.46 -24.48 -13.74
CA TYR C 65 28.74 -24.91 -13.22
C TYR C 65 29.55 -25.73 -14.21
N GLY C 66 30.39 -25.00 -14.96
CA GLY C 66 31.27 -25.55 -15.96
C GLY C 66 30.71 -26.59 -16.92
N VAL C 67 30.74 -27.84 -16.48
CA VAL C 67 30.29 -28.99 -17.26
C VAL C 67 28.79 -29.33 -17.20
N ALA C 68 27.95 -28.30 -17.14
CA ALA C 68 26.51 -28.52 -17.08
C ALA C 68 25.61 -27.89 -18.17
N PRO C 69 26.20 -27.44 -19.31
CA PRO C 69 25.33 -26.84 -20.33
C PRO C 69 24.34 -27.85 -20.94
N SER C 70 23.17 -27.36 -21.35
CA SER C 70 22.16 -28.24 -21.92
C SER C 70 21.18 -27.50 -22.83
N ASP C 71 20.26 -26.73 -22.24
CA ASP C 71 19.26 -25.97 -22.99
C ASP C 71 19.49 -24.47 -22.88
N LYS C 72 20.60 -24.09 -22.26
CA LYS C 72 21.00 -22.70 -22.06
C LYS C 72 20.12 -21.97 -21.06
N ILE C 73 19.18 -22.67 -20.43
CA ILE C 73 18.31 -22.03 -19.46
C ILE C 73 19.00 -22.16 -18.10
N ILE C 74 18.85 -21.13 -17.28
CA ILE C 74 19.42 -21.11 -15.94
C ILE C 74 18.27 -21.40 -14.99
N ARG C 75 18.39 -22.44 -14.17
CA ARG C 75 17.34 -22.81 -13.22
C ARG C 75 17.73 -22.59 -11.76
N LEU C 76 16.74 -22.60 -10.89
CA LEU C 76 16.93 -22.44 -9.46
C LEU C 76 17.68 -23.64 -8.89
N SER C 77 18.21 -23.46 -7.69
CA SER C 77 18.88 -24.54 -6.95
C SER C 77 19.93 -25.34 -7.72
N THR C 78 20.67 -24.69 -8.61
CA THR C 78 21.67 -25.38 -9.41
C THR C 78 22.99 -24.63 -9.41
N ASP C 79 24.09 -25.39 -9.33
CA ASP C 79 25.42 -24.80 -9.31
C ASP C 79 25.63 -23.92 -10.54
N VAL C 80 26.18 -22.75 -10.31
CA VAL C 80 26.41 -21.79 -11.37
C VAL C 80 27.68 -20.98 -11.06
N ARG C 81 28.37 -20.52 -12.10
CA ARG C 81 29.56 -19.68 -11.94
C ARG C 81 29.09 -18.31 -12.39
N ILE C 82 29.66 -17.24 -11.84
CA ILE C 82 29.23 -15.89 -12.21
C ILE C 82 30.43 -15.01 -12.50
N SER C 83 30.36 -14.25 -13.59
CA SER C 83 31.44 -13.35 -14.01
C SER C 83 30.88 -11.99 -14.39
N PHE C 84 31.63 -10.93 -14.11
CA PHE C 84 31.19 -9.60 -14.51
C PHE C 84 31.67 -9.44 -15.94
N ARG C 85 30.80 -9.06 -16.87
CA ARG C 85 31.27 -8.84 -18.22
C ARG C 85 31.72 -7.40 -18.25
N ALA C 86 32.93 -7.15 -17.79
CA ALA C 86 33.50 -5.81 -17.73
C ALA C 86 35.01 -5.88 -17.63
N TYR C 87 35.67 -4.77 -17.98
CA TYR C 87 37.12 -4.66 -17.94
C TYR C 87 37.54 -4.02 -16.63
N THR C 88 38.65 -4.49 -16.07
CA THR C 88 39.14 -3.94 -14.81
C THR C 88 40.62 -3.59 -14.89
N THR C 89 41.00 -2.65 -14.04
CA THR C 89 42.36 -2.18 -13.93
C THR C 89 43.27 -3.29 -13.37
N CYS C 90 42.68 -4.23 -12.64
CA CYS C 90 43.45 -5.33 -12.06
C CYS C 90 43.84 -6.38 -13.07
N LEU C 91 43.22 -6.35 -14.25
CA LEU C 91 43.53 -7.31 -15.31
C LEU C 91 43.55 -8.76 -14.80
N GLN C 92 42.55 -9.11 -14.01
CA GLN C 92 42.45 -10.45 -13.45
C GLN C 92 41.12 -11.06 -13.85
N SER C 93 40.90 -12.32 -13.48
CA SER C 93 39.65 -12.98 -13.78
C SER C 93 38.59 -12.16 -13.07
N THR C 94 37.45 -12.02 -13.72
CA THR C 94 36.36 -11.25 -13.19
C THR C 94 35.25 -12.17 -12.69
N GLU C 95 35.61 -13.41 -12.41
CA GLU C 95 34.65 -14.39 -11.93
C GLU C 95 34.61 -14.32 -10.42
N TRP C 96 33.43 -14.52 -9.84
CA TRP C 96 33.24 -14.48 -8.40
C TRP C 96 33.69 -15.76 -7.72
N HIS C 97 34.01 -15.63 -6.44
CA HIS C 97 34.37 -16.76 -5.60
C HIS C 97 34.45 -16.26 -4.17
N ILE C 98 34.02 -17.09 -3.23
CA ILE C 98 34.03 -16.70 -1.83
C ILE C 98 35.49 -16.61 -1.35
N ASP C 99 35.81 -15.55 -0.60
CA ASP C 99 37.16 -15.33 -0.08
C ASP C 99 37.49 -16.35 0.98
N SER C 100 38.76 -16.73 1.07
CA SER C 100 39.19 -17.69 2.07
C SER C 100 39.65 -16.95 3.32
N GLU C 101 39.90 -15.66 3.16
CA GLU C 101 40.35 -14.82 4.25
C GLU C 101 39.30 -13.81 4.63
N LEU C 102 39.40 -13.34 5.87
CA LEU C 102 38.47 -12.35 6.37
C LEU C 102 39.10 -11.00 6.20
N ALA C 103 38.28 -10.00 5.91
CA ALA C 103 38.73 -8.64 5.77
C ALA C 103 37.82 -7.93 6.77
N ALA C 104 38.42 -7.39 7.82
CA ALA C 104 37.69 -6.73 8.89
C ALA C 104 36.77 -7.74 9.59
N GLY C 105 37.22 -8.99 9.65
CA GLY C 105 36.44 -10.03 10.31
C GLY C 105 35.23 -10.53 9.52
N ARG C 106 35.12 -10.11 8.27
CA ARG C 106 33.99 -10.49 7.43
C ARG C 106 34.46 -11.28 6.22
N ARG C 107 33.61 -12.19 5.77
CA ARG C 107 33.90 -13.01 4.59
C ARG C 107 33.16 -12.41 3.39
N HIS C 108 33.90 -12.04 2.35
CA HIS C 108 33.29 -11.44 1.17
C HIS C 108 33.46 -12.31 -0.05
N VAL C 109 32.69 -12.01 -1.10
CA VAL C 109 32.87 -12.71 -2.36
C VAL C 109 33.76 -11.72 -3.14
N ILE C 110 34.83 -12.25 -3.70
CA ILE C 110 35.76 -11.41 -4.42
C ILE C 110 35.93 -11.84 -5.87
N THR C 111 36.92 -11.24 -6.50
CA THR C 111 37.21 -11.45 -7.90
C THR C 111 38.66 -11.95 -8.06
N GLY C 112 39.10 -12.20 -9.28
CA GLY C 112 40.47 -12.64 -9.50
C GLY C 112 40.80 -14.06 -9.13
N PRO C 113 42.10 -14.39 -9.07
CA PRO C 113 42.65 -15.71 -8.73
C PRO C 113 42.27 -16.22 -7.34
N VAL C 114 41.98 -17.51 -7.24
CA VAL C 114 41.63 -18.12 -5.96
C VAL C 114 42.92 -18.32 -5.18
N LYS C 115 43.17 -17.46 -4.20
CA LYS C 115 44.40 -17.53 -3.41
C LYS C 115 44.77 -18.88 -2.80
N ASP C 116 43.88 -19.45 -2.00
CA ASP C 116 44.18 -20.75 -1.38
C ASP C 116 43.07 -21.76 -1.72
N PRO C 117 43.20 -22.42 -2.88
CA PRO C 117 42.23 -23.41 -3.37
C PRO C 117 41.96 -24.51 -2.37
N SER C 118 40.68 -24.82 -2.17
CA SER C 118 40.30 -25.89 -1.27
C SER C 118 40.40 -27.15 -2.14
N PRO C 119 40.44 -28.33 -1.50
CA PRO C 119 40.53 -29.55 -2.32
C PRO C 119 39.34 -29.62 -3.29
N SER C 120 38.16 -29.23 -2.80
CA SER C 120 36.95 -29.25 -3.62
C SER C 120 36.96 -28.24 -4.76
N GLY C 121 37.68 -27.13 -4.56
CA GLY C 121 37.76 -26.10 -5.58
C GLY C 121 36.42 -25.46 -5.90
N ARG C 122 35.49 -25.56 -4.95
CA ARG C 122 34.14 -25.02 -5.11
C ARG C 122 33.93 -23.59 -4.62
N GLU C 123 35.00 -22.81 -4.52
CA GLU C 123 34.90 -21.42 -4.06
C GLU C 123 34.07 -20.59 -5.01
N ASN C 124 34.08 -20.97 -6.28
CA ASN C 124 33.34 -20.25 -7.30
C ASN C 124 31.94 -20.77 -7.61
N ALA C 125 31.43 -21.67 -6.78
CA ALA C 125 30.09 -22.23 -7.00
C ALA C 125 29.04 -21.43 -6.24
N PHE C 126 28.03 -20.97 -6.98
CA PHE C 126 26.95 -20.19 -6.41
C PHE C 126 25.63 -20.82 -6.87
N ARG C 127 24.52 -20.32 -6.30
CA ARG C 127 23.17 -20.80 -6.63
C ARG C 127 22.21 -19.65 -6.47
N ILE C 128 21.15 -19.70 -7.26
CA ILE C 128 20.09 -18.71 -7.23
C ILE C 128 18.90 -19.47 -6.69
N GLU C 129 18.20 -18.85 -5.73
CA GLU C 129 17.05 -19.47 -5.09
C GLU C 129 15.99 -18.43 -4.85
N LYS C 130 14.75 -18.88 -4.67
CA LYS C 130 13.65 -17.98 -4.37
C LYS C 130 13.94 -17.50 -2.95
N TYR C 131 13.63 -16.25 -2.66
CA TYR C 131 13.85 -15.71 -1.33
C TYR C 131 12.84 -16.27 -0.31
N SER C 132 11.58 -16.42 -0.75
CA SER C 132 10.53 -16.95 0.12
C SER C 132 9.62 -17.94 -0.60
N GLY C 133 8.63 -18.47 0.12
CA GLY C 133 7.72 -19.43 -0.47
C GLY C 133 6.68 -18.80 -1.39
N ALA C 134 6.76 -17.49 -1.57
CA ALA C 134 5.81 -16.77 -2.42
C ALA C 134 6.08 -16.96 -3.92
N GLU C 135 5.04 -16.70 -4.73
CA GLU C 135 5.15 -16.83 -6.18
C GLU C 135 5.95 -15.75 -6.86
N VAL C 136 6.04 -14.59 -6.22
CA VAL C 136 6.79 -13.46 -6.77
C VAL C 136 8.18 -13.86 -7.25
N HIS C 137 8.68 -13.18 -8.29
CA HIS C 137 10.00 -13.48 -8.79
C HIS C 137 11.06 -12.61 -8.12
N GLU C 138 11.42 -13.00 -6.90
CA GLU C 138 12.44 -12.31 -6.12
C GLU C 138 13.34 -13.42 -5.62
N TYR C 139 14.65 -13.24 -5.82
CA TYR C 139 15.64 -14.25 -5.50
C TYR C 139 16.71 -13.81 -4.50
N LYS C 140 17.60 -14.75 -4.17
CA LYS C 140 18.72 -14.52 -3.28
C LYS C 140 19.85 -15.38 -3.85
N LEU C 141 21.10 -15.03 -3.53
CA LEU C 141 22.27 -15.74 -4.02
C LEU C 141 22.94 -16.47 -2.87
N MET C 142 23.50 -17.65 -3.14
CA MET C 142 24.15 -18.43 -2.11
C MET C 142 25.51 -18.86 -2.57
N SER C 143 26.45 -18.91 -1.64
CA SER C 143 27.80 -19.37 -1.91
C SER C 143 27.76 -20.80 -1.45
N CYS C 144 28.06 -21.74 -2.33
CA CYS C 144 27.99 -23.16 -1.99
C CYS C 144 29.29 -23.93 -2.20
N GLY C 145 30.21 -23.78 -1.25
CA GLY C 145 31.47 -24.50 -1.34
C GLY C 145 31.24 -25.82 -0.63
N ASP C 146 31.35 -25.81 0.70
CA ASP C 146 31.12 -27.01 1.51
C ASP C 146 29.63 -27.01 1.84
N TRP C 147 29.16 -25.88 2.37
CA TRP C 147 27.76 -25.69 2.73
C TRP C 147 27.32 -24.45 1.97
N CYS C 148 26.01 -24.26 1.86
CA CYS C 148 25.49 -23.10 1.16
C CYS C 148 25.21 -22.04 2.20
N GLN C 149 25.66 -20.82 1.92
CA GLN C 149 25.47 -19.69 2.84
C GLN C 149 24.81 -18.59 2.06
N ASP C 150 23.76 -18.00 2.62
CA ASP C 150 23.08 -16.91 1.94
C ASP C 150 24.00 -15.70 1.96
N LEU C 151 23.90 -14.86 0.94
CA LEU C 151 24.73 -13.69 0.83
C LEU C 151 23.92 -12.41 1.02
N GLY C 152 24.55 -11.39 1.60
CA GLY C 152 23.90 -10.11 1.81
C GLY C 152 24.99 -9.08 1.54
N VAL C 153 24.68 -7.79 1.64
CA VAL C 153 25.75 -6.82 1.42
C VAL C 153 25.97 -5.98 2.66
N PHE C 154 27.25 -5.73 2.96
CA PHE C 154 27.63 -4.94 4.11
C PHE C 154 27.44 -3.51 3.68
N ARG C 155 26.43 -2.86 4.26
CA ARG C 155 26.15 -1.49 3.87
C ARG C 155 26.70 -0.42 4.79
N ASP C 156 27.58 -0.78 5.72
CA ASP C 156 28.12 0.24 6.61
C ASP C 156 29.36 0.99 6.13
N LEU C 157 29.73 0.82 4.86
CA LEU C 157 30.89 1.51 4.31
C LEU C 157 32.22 1.18 4.97
N LYS C 158 32.30 0.04 5.64
CA LYS C 158 33.55 -0.37 6.28
C LYS C 158 34.42 -0.85 5.11
N GLY C 159 35.62 -0.31 4.99
CA GLY C 159 36.48 -0.73 3.91
C GLY C 159 36.37 0.15 2.68
N GLY C 160 35.50 1.15 2.73
CA GLY C 160 35.35 2.08 1.61
C GLY C 160 34.16 1.94 0.69
N ALA C 161 33.34 0.91 0.85
CA ALA C 161 32.21 0.74 -0.03
C ALA C 161 31.31 -0.34 0.50
N TRP C 162 30.19 -0.57 -0.17
CA TRP C 162 29.27 -1.63 0.20
C TRP C 162 29.81 -2.91 -0.47
N PHE C 163 30.00 -3.99 0.28
CA PHE C 163 30.51 -5.20 -0.32
C PHE C 163 29.57 -6.38 -0.14
N LEU C 164 29.56 -7.29 -1.11
CA LEU C 164 28.73 -8.50 -1.06
C LEU C 164 29.47 -9.50 -0.18
N GLY C 165 28.74 -10.23 0.66
CA GLY C 165 29.41 -11.18 1.52
C GLY C 165 28.48 -12.02 2.35
N ALA C 166 29.07 -12.83 3.21
CA ALA C 166 28.31 -13.70 4.08
C ALA C 166 27.82 -12.85 5.25
N THR C 167 26.59 -12.36 5.16
CA THR C 167 26.05 -11.52 6.22
C THR C 167 24.57 -11.31 6.05
N GLU C 168 23.93 -10.85 7.11
CA GLU C 168 22.53 -10.51 7.10
C GLU C 168 22.57 -8.99 6.92
N PRO C 169 21.52 -8.40 6.33
CA PRO C 169 20.35 -9.12 5.84
C PRO C 169 20.62 -9.61 4.43
N TYR C 170 20.09 -10.78 4.12
CA TYR C 170 20.28 -11.36 2.81
C TYR C 170 19.72 -10.38 1.78
N HIS C 171 20.43 -10.22 0.68
CA HIS C 171 20.08 -9.32 -0.41
C HIS C 171 19.08 -9.98 -1.34
N VAL C 172 17.88 -9.42 -1.42
CA VAL C 172 16.83 -9.94 -2.30
C VAL C 172 16.97 -9.22 -3.64
N VAL C 173 17.27 -10.03 -4.64
CA VAL C 173 17.56 -9.59 -6.00
C VAL C 173 16.54 -9.88 -7.10
N VAL C 174 16.68 -9.15 -8.21
CA VAL C 174 15.84 -9.30 -9.38
C VAL C 174 16.81 -9.16 -10.57
N PHE C 175 16.56 -9.86 -11.68
CA PHE C 175 17.46 -9.78 -12.84
C PHE C 175 16.87 -9.04 -14.05
N LYS C 176 17.58 -8.04 -14.53
CA LYS C 176 17.16 -7.24 -15.67
C LYS C 176 18.02 -7.62 -16.85
N LYS C 177 17.39 -7.84 -17.99
CA LYS C 177 18.11 -8.21 -19.21
C LYS C 177 18.99 -7.04 -19.62
N ALA C 178 20.28 -7.31 -19.78
CA ALA C 178 21.24 -6.29 -20.15
C ALA C 178 21.72 -6.47 -21.59
N PRO C 179 22.26 -5.41 -22.20
CA PRO C 179 22.76 -5.48 -23.58
C PRO C 179 23.98 -6.41 -23.69
N PRO C 180 24.15 -7.06 -24.85
CA PRO C 180 25.25 -7.98 -25.14
C PRO C 180 26.63 -7.33 -25.10
N ALA C 181 27.60 -8.04 -24.53
CA ALA C 181 28.97 -7.58 -24.38
C ALA C 181 29.91 -8.73 -24.03
N ALA D 1 -28.83 -19.51 -26.46
CA ALA D 1 -28.67 -18.99 -27.85
C ALA D 1 -27.63 -17.87 -27.81
N ASP D 2 -27.10 -17.50 -28.96
CA ASP D 2 -26.14 -16.41 -29.01
C ASP D 2 -26.89 -15.12 -28.64
N PRO D 3 -26.18 -14.01 -28.41
CA PRO D 3 -26.83 -12.76 -28.05
C PRO D 3 -27.91 -12.31 -29.02
N PRO D 4 -28.95 -11.65 -28.49
CA PRO D 4 -30.08 -11.12 -29.26
C PRO D 4 -29.63 -9.98 -30.16
N PRO D 5 -30.44 -9.61 -31.17
CA PRO D 5 -30.04 -8.52 -32.06
C PRO D 5 -30.25 -7.11 -31.54
N VAL D 6 -29.53 -6.18 -32.14
CA VAL D 6 -29.63 -4.76 -31.83
C VAL D 6 -30.73 -4.31 -32.79
N HIS D 7 -31.60 -3.42 -32.36
CA HIS D 7 -32.70 -2.96 -33.22
C HIS D 7 -32.53 -1.47 -33.54
N ASP D 8 -33.11 -1.02 -34.64
CA ASP D 8 -33.01 0.39 -34.99
C ASP D 8 -34.24 1.11 -34.47
N THR D 9 -34.34 2.41 -34.72
CA THR D 9 -35.48 3.19 -34.25
C THR D 9 -36.81 2.71 -34.82
N ASP D 10 -36.75 1.91 -35.88
CA ASP D 10 -37.96 1.39 -36.51
C ASP D 10 -38.33 -0.02 -36.04
N GLY D 11 -37.53 -0.60 -35.15
CA GLY D 11 -37.79 -1.94 -34.65
C GLY D 11 -37.09 -3.05 -35.41
N HIS D 12 -36.48 -2.70 -36.55
CA HIS D 12 -35.77 -3.66 -37.38
C HIS D 12 -34.39 -3.94 -36.82
N GLU D 13 -33.87 -5.14 -37.07
CA GLU D 13 -32.54 -5.53 -36.59
C GLU D 13 -31.47 -4.79 -37.38
N LEU D 14 -30.34 -4.51 -36.75
CA LEU D 14 -29.25 -3.81 -37.44
C LEU D 14 -28.60 -4.77 -38.43
N ARG D 15 -28.33 -4.25 -39.62
CA ARG D 15 -27.73 -5.03 -40.69
C ARG D 15 -26.28 -4.62 -40.89
N ALA D 16 -25.43 -5.62 -41.11
CA ALA D 16 -24.02 -5.38 -41.35
C ALA D 16 -23.76 -4.73 -42.71
N ASP D 17 -24.81 -4.62 -43.52
CA ASP D 17 -24.66 -4.02 -44.84
C ASP D 17 -25.41 -2.71 -45.01
N ALA D 18 -25.93 -2.18 -43.91
CA ALA D 18 -26.68 -0.92 -43.95
C ALA D 18 -25.94 0.18 -43.19
N ASN D 19 -26.34 1.43 -43.39
CA ASN D 19 -25.73 2.56 -42.69
C ASN D 19 -26.67 3.05 -41.62
N TYR D 20 -26.12 3.54 -40.51
CA TYR D 20 -26.95 4.03 -39.40
C TYR D 20 -26.39 5.30 -38.78
N TYR D 21 -27.28 6.15 -38.30
CA TYR D 21 -26.90 7.37 -37.61
C TYR D 21 -26.98 6.93 -36.15
N VAL D 22 -25.97 7.26 -35.34
CA VAL D 22 -26.05 6.89 -33.93
C VAL D 22 -26.45 8.17 -33.20
N LEU D 23 -27.71 8.22 -32.78
CA LEU D 23 -28.29 9.38 -32.13
C LEU D 23 -28.52 9.20 -30.63
N SER D 24 -28.76 10.31 -29.94
CA SER D 24 -29.02 10.26 -28.51
C SER D 24 -30.40 9.68 -28.29
N ALA D 25 -30.54 8.84 -27.28
CA ALA D 25 -31.83 8.28 -26.97
C ALA D 25 -32.65 9.49 -26.53
N ASN D 26 -32.02 10.38 -25.79
CA ASN D 26 -32.64 11.60 -25.30
C ASN D 26 -32.03 12.77 -26.07
N ARG D 27 -32.78 13.31 -27.02
CA ARG D 27 -32.36 14.40 -27.88
C ARG D 27 -31.80 15.61 -27.14
N ALA D 28 -32.16 15.74 -25.86
CA ALA D 28 -31.65 16.85 -25.06
C ALA D 28 -30.12 16.74 -24.93
N HIS D 29 -29.57 15.54 -25.14
CA HIS D 29 -28.12 15.29 -25.04
C HIS D 29 -27.32 15.63 -26.29
N GLY D 30 -28.00 16.02 -27.37
CA GLY D 30 -27.30 16.36 -28.60
C GLY D 30 -27.67 15.54 -29.82
N GLY D 31 -26.99 15.84 -30.91
CA GLY D 31 -27.23 15.15 -32.16
C GLY D 31 -26.44 13.89 -32.38
N GLY D 32 -26.24 13.55 -33.65
CA GLY D 32 -25.51 12.35 -34.01
C GLY D 32 -24.00 12.50 -33.96
N LEU D 33 -23.30 11.39 -34.17
CA LEU D 33 -21.85 11.39 -34.14
C LEU D 33 -21.24 11.87 -35.46
N THR D 34 -20.06 12.48 -35.40
CA THR D 34 -19.34 13.00 -36.57
C THR D 34 -17.83 12.88 -36.33
N MET D 35 -17.03 13.61 -37.10
CA MET D 35 -15.58 13.62 -36.97
C MET D 35 -15.16 15.07 -36.88
N ALA D 36 -14.12 15.35 -36.12
CA ALA D 36 -13.64 16.71 -35.98
C ALA D 36 -12.28 16.69 -35.33
N PRO D 37 -11.45 17.70 -35.62
CA PRO D 37 -10.12 17.73 -34.99
C PRO D 37 -10.28 18.43 -33.62
N GLY D 38 -9.21 18.45 -32.85
CA GLY D 38 -9.29 19.09 -31.55
C GLY D 38 -8.01 18.89 -30.78
N HIS D 39 -7.87 19.61 -29.68
CA HIS D 39 -6.70 19.48 -28.81
C HIS D 39 -5.37 19.71 -29.56
N GLY D 40 -5.39 20.54 -30.59
CA GLY D 40 -4.17 20.86 -31.32
C GLY D 40 -3.84 19.94 -32.48
N ARG D 41 -4.59 18.86 -32.60
CA ARG D 41 -4.40 17.90 -33.67
C ARG D 41 -5.23 18.28 -34.87
N HIS D 42 -4.63 18.21 -36.04
CA HIS D 42 -5.33 18.50 -37.28
C HIS D 42 -5.81 17.16 -37.82
N CYS D 43 -4.92 16.18 -37.73
CA CYS D 43 -5.17 14.80 -38.12
C CYS D 43 -4.38 14.00 -37.10
N PRO D 44 -4.92 12.83 -36.68
CA PRO D 44 -6.18 12.28 -37.15
C PRO D 44 -7.36 12.94 -36.46
N LEU D 45 -8.54 12.78 -37.02
CA LEU D 45 -9.75 13.36 -36.48
C LEU D 45 -10.33 12.49 -35.34
N PHE D 46 -10.92 13.13 -34.34
CA PHE D 46 -11.55 12.42 -33.24
C PHE D 46 -12.98 12.15 -33.67
N VAL D 47 -13.64 11.21 -33.04
CA VAL D 47 -15.04 11.03 -33.37
C VAL D 47 -15.72 11.96 -32.33
N SER D 48 -16.46 12.94 -32.84
CA SER D 48 -17.13 13.90 -31.99
C SER D 48 -18.63 13.75 -32.09
N GLN D 49 -19.36 14.56 -31.33
CA GLN D 49 -20.82 14.53 -31.35
C GLN D 49 -21.30 15.93 -31.68
N ASP D 50 -22.27 16.03 -32.58
CA ASP D 50 -22.81 17.31 -32.95
C ASP D 50 -23.75 17.76 -31.83
N PRO D 51 -23.57 18.99 -31.29
CA PRO D 51 -24.41 19.51 -30.20
C PRO D 51 -25.88 19.72 -30.58
N ASN D 52 -26.12 19.97 -31.86
CA ASN D 52 -27.47 20.22 -32.36
C ASN D 52 -28.33 18.95 -32.45
N GLY D 53 -29.33 18.86 -31.59
CA GLY D 53 -30.23 17.72 -31.55
C GLY D 53 -30.93 17.42 -32.87
N GLN D 54 -31.05 18.41 -33.74
CA GLN D 54 -31.69 18.20 -35.03
C GLN D 54 -30.75 17.62 -36.09
N HIS D 55 -29.49 17.40 -35.71
CA HIS D 55 -28.52 16.86 -36.67
C HIS D 55 -28.28 15.38 -36.43
N ASP D 56 -28.30 14.60 -37.51
CA ASP D 56 -28.09 13.16 -37.43
C ASP D 56 -26.62 12.77 -37.43
N GLY D 57 -25.76 13.65 -37.93
CA GLY D 57 -24.33 13.36 -37.98
C GLY D 57 -23.98 12.58 -39.23
N PHE D 58 -22.89 11.81 -39.20
CA PHE D 58 -22.49 11.01 -40.35
C PHE D 58 -22.99 9.59 -40.18
N PRO D 59 -23.23 8.87 -41.30
CA PRO D 59 -23.71 7.49 -41.25
C PRO D 59 -22.57 6.59 -40.81
N VAL D 60 -22.91 5.54 -40.09
CA VAL D 60 -21.94 4.60 -39.58
C VAL D 60 -22.21 3.20 -40.15
N ARG D 61 -21.13 2.44 -40.34
CA ARG D 61 -21.21 1.08 -40.87
C ARG D 61 -20.61 0.21 -39.77
N ILE D 62 -21.38 -0.77 -39.31
CA ILE D 62 -20.95 -1.65 -38.23
C ILE D 62 -20.71 -3.04 -38.81
N THR D 63 -19.46 -3.49 -38.81
CA THR D 63 -19.14 -4.81 -39.36
C THR D 63 -18.57 -5.73 -38.30
N PRO D 64 -19.13 -6.95 -38.21
CA PRO D 64 -18.70 -7.96 -37.24
C PRO D 64 -17.21 -8.24 -37.23
N TYR D 65 -16.72 -8.65 -36.07
CA TYR D 65 -15.31 -8.99 -35.88
C TYR D 65 -15.30 -10.49 -36.11
N GLY D 66 -14.22 -11.02 -36.68
CA GLY D 66 -14.20 -12.45 -36.91
C GLY D 66 -15.18 -12.85 -38.00
N VAL D 67 -15.22 -14.15 -38.28
CA VAL D 67 -16.09 -14.71 -39.31
C VAL D 67 -17.49 -14.09 -39.33
N ALA D 68 -17.90 -13.60 -40.49
CA ALA D 68 -19.20 -12.96 -40.66
C ALA D 68 -20.39 -13.90 -40.60
N PRO D 69 -21.49 -13.45 -39.99
CA PRO D 69 -22.73 -14.24 -39.85
C PRO D 69 -23.53 -14.22 -41.15
N SER D 70 -24.10 -15.35 -41.55
CA SER D 70 -24.87 -15.40 -42.79
C SER D 70 -26.09 -14.48 -42.78
N ASP D 71 -26.79 -14.41 -41.65
CA ASP D 71 -27.97 -13.54 -41.55
C ASP D 71 -27.65 -12.04 -41.58
N LYS D 72 -26.36 -11.70 -41.46
CA LYS D 72 -25.89 -10.30 -41.47
C LYS D 72 -26.41 -9.47 -40.31
N ILE D 73 -26.91 -10.12 -39.26
CA ILE D 73 -27.46 -9.42 -38.12
C ILE D 73 -26.41 -9.03 -37.08
N ILE D 74 -26.45 -7.76 -36.68
CA ILE D 74 -25.54 -7.23 -35.66
C ILE D 74 -26.15 -7.55 -34.30
N ARG D 75 -25.45 -8.32 -33.48
CA ARG D 75 -25.97 -8.67 -32.17
C ARG D 75 -25.28 -7.94 -31.02
N LEU D 76 -25.94 -7.92 -29.86
CA LEU D 76 -25.41 -7.26 -28.68
C LEU D 76 -24.28 -8.08 -28.10
N SER D 77 -23.45 -7.45 -27.27
CA SER D 77 -22.34 -8.15 -26.62
C SER D 77 -21.41 -8.87 -27.59
N THR D 78 -21.26 -8.34 -28.79
CA THR D 78 -20.43 -8.98 -29.79
C THR D 78 -19.36 -8.02 -30.33
N ASP D 79 -18.11 -8.48 -30.40
CA ASP D 79 -17.02 -7.64 -30.92
C ASP D 79 -17.35 -7.18 -32.32
N VAL D 80 -17.26 -5.88 -32.55
CA VAL D 80 -17.61 -5.34 -33.85
C VAL D 80 -16.70 -4.16 -34.21
N ARG D 81 -16.65 -3.83 -35.50
CA ARG D 81 -15.84 -2.73 -36.00
C ARG D 81 -16.78 -1.66 -36.52
N ILE D 82 -16.44 -0.41 -36.28
CA ILE D 82 -17.31 0.70 -36.68
C ILE D 82 -16.54 1.73 -37.45
N SER D 83 -17.13 2.21 -38.55
CA SER D 83 -16.52 3.24 -39.36
C SER D 83 -17.57 4.17 -39.95
N PHE D 84 -17.17 5.41 -40.23
CA PHE D 84 -18.06 6.41 -40.81
C PHE D 84 -18.11 6.31 -42.32
N ARG D 85 -19.26 6.56 -42.90
CA ARG D 85 -19.42 6.55 -44.35
C ARG D 85 -19.29 8.00 -44.76
N ALA D 86 -18.07 8.53 -44.73
CA ALA D 86 -17.85 9.93 -45.07
C ALA D 86 -16.45 10.20 -45.61
N TYR D 87 -16.31 11.36 -46.23
CA TYR D 87 -15.04 11.81 -46.81
C TYR D 87 -14.30 12.65 -45.80
N THR D 88 -13.03 12.33 -45.60
CA THR D 88 -12.21 13.02 -44.62
C THR D 88 -11.08 13.85 -45.21
N THR D 89 -10.90 15.05 -44.67
CA THR D 89 -9.85 15.96 -45.10
C THR D 89 -8.47 15.38 -44.81
N CYS D 90 -8.43 14.44 -43.87
CA CYS D 90 -7.21 13.77 -43.46
C CYS D 90 -6.77 12.64 -44.39
N LEU D 91 -7.70 12.20 -45.24
CA LEU D 91 -7.40 11.11 -46.18
C LEU D 91 -6.89 9.88 -45.46
N GLN D 92 -7.51 9.57 -44.32
CA GLN D 92 -7.12 8.42 -43.52
C GLN D 92 -8.30 7.49 -43.27
N SER D 93 -8.01 6.30 -42.73
CA SER D 93 -9.05 5.34 -42.43
C SER D 93 -10.03 6.05 -41.53
N THR D 94 -11.30 5.81 -41.77
CA THR D 94 -12.35 6.44 -41.01
C THR D 94 -12.88 5.47 -39.94
N GLU D 95 -12.14 4.39 -39.71
CA GLU D 95 -12.49 3.39 -38.70
C GLU D 95 -12.15 3.89 -37.30
N TRP D 96 -13.02 3.56 -36.34
CA TRP D 96 -12.88 3.97 -34.95
C TRP D 96 -11.89 3.09 -34.21
N HIS D 97 -11.07 3.69 -33.35
CA HIS D 97 -10.17 2.91 -32.52
C HIS D 97 -9.85 3.75 -31.30
N ILE D 98 -9.73 3.10 -30.15
CA ILE D 98 -9.45 3.80 -28.90
C ILE D 98 -8.01 4.33 -28.95
N ASP D 99 -7.82 5.61 -28.64
CA ASP D 99 -6.50 6.25 -28.66
C ASP D 99 -5.56 5.65 -27.62
N SER D 100 -4.29 5.50 -27.98
CA SER D 100 -3.29 4.96 -27.05
C SER D 100 -2.75 6.09 -26.18
N GLU D 101 -3.01 7.32 -26.60
CA GLU D 101 -2.54 8.49 -25.87
C GLU D 101 -3.65 9.32 -25.28
N LEU D 102 -3.27 10.12 -24.29
CA LEU D 102 -4.20 11.02 -23.62
C LEU D 102 -4.08 12.39 -24.26
N ALA D 103 -5.22 13.05 -24.41
CA ALA D 103 -5.26 14.39 -24.95
C ALA D 103 -5.98 15.15 -23.85
N ALA D 104 -5.32 16.15 -23.28
CA ALA D 104 -5.88 16.91 -22.17
C ALA D 104 -6.18 15.97 -21.00
N GLY D 105 -5.41 14.89 -20.92
CA GLY D 105 -5.57 13.93 -19.85
C GLY D 105 -6.72 12.94 -20.00
N ARG D 106 -7.34 12.93 -21.17
CA ARG D 106 -8.48 12.06 -21.46
C ARG D 106 -8.16 11.09 -22.60
N ARG D 107 -8.82 9.93 -22.60
CA ARG D 107 -8.61 8.95 -23.66
C ARG D 107 -9.84 8.95 -24.56
N HIS D 108 -9.63 9.34 -25.81
CA HIS D 108 -10.71 9.44 -26.78
C HIS D 108 -10.76 8.33 -27.80
N VAL D 109 -11.89 8.26 -28.50
CA VAL D 109 -12.06 7.31 -29.59
C VAL D 109 -11.68 8.14 -30.79
N ILE D 110 -10.67 7.69 -31.52
CA ILE D 110 -10.21 8.42 -32.69
C ILE D 110 -10.40 7.62 -33.97
N THR D 111 -9.84 8.16 -35.03
CA THR D 111 -9.97 7.56 -36.34
C THR D 111 -8.55 7.54 -36.95
N GLY D 112 -8.40 6.98 -38.15
CA GLY D 112 -7.08 6.94 -38.77
C GLY D 112 -6.22 5.76 -38.35
N PRO D 113 -4.95 5.76 -38.77
CA PRO D 113 -4.01 4.67 -38.45
C PRO D 113 -3.81 4.50 -36.95
N VAL D 114 -3.44 3.30 -36.54
CA VAL D 114 -3.18 3.05 -35.12
C VAL D 114 -1.70 3.35 -34.89
N LYS D 115 -1.43 4.40 -34.10
CA LYS D 115 -0.08 4.84 -33.80
C LYS D 115 0.77 3.75 -33.16
N ASP D 116 0.29 3.18 -32.06
CA ASP D 116 1.03 2.13 -31.37
C ASP D 116 0.12 0.91 -31.33
N PRO D 117 0.26 0.00 -32.30
CA PRO D 117 -0.57 -1.21 -32.35
C PRO D 117 -0.34 -2.15 -31.16
N SER D 118 -1.44 -2.58 -30.54
CA SER D 118 -1.33 -3.50 -29.41
C SER D 118 -1.12 -4.92 -29.92
N PRO D 119 -0.65 -5.84 -29.06
CA PRO D 119 -0.42 -7.23 -29.45
C PRO D 119 -1.71 -7.91 -29.90
N SER D 120 -2.74 -7.76 -29.07
CA SER D 120 -4.06 -8.32 -29.33
C SER D 120 -4.69 -7.75 -30.60
N GLY D 121 -4.31 -6.52 -30.93
CA GLY D 121 -4.84 -5.84 -32.11
C GLY D 121 -6.30 -5.46 -32.02
N ARG D 122 -6.85 -5.35 -30.80
CA ARG D 122 -8.25 -5.01 -30.66
C ARG D 122 -8.60 -3.59 -30.24
N GLU D 123 -7.75 -2.63 -30.56
CA GLU D 123 -8.04 -1.23 -30.24
C GLU D 123 -9.20 -0.72 -31.10
N ASN D 124 -9.59 -1.52 -32.09
CA ASN D 124 -10.71 -1.18 -32.96
C ASN D 124 -11.92 -2.06 -32.66
N ALA D 125 -11.86 -2.81 -31.57
CA ALA D 125 -12.95 -3.70 -31.15
C ALA D 125 -13.89 -2.99 -30.19
N PHE D 126 -15.15 -2.90 -30.58
CA PHE D 126 -16.18 -2.26 -29.79
C PHE D 126 -17.32 -3.23 -29.54
N ARG D 127 -18.21 -2.87 -28.62
CA ARG D 127 -19.38 -3.70 -28.34
C ARG D 127 -20.59 -2.87 -28.03
N ILE D 128 -21.72 -3.27 -28.60
CA ILE D 128 -22.98 -2.61 -28.39
C ILE D 128 -23.71 -3.38 -27.30
N GLU D 129 -24.28 -2.69 -26.32
CA GLU D 129 -24.97 -3.37 -25.24
C GLU D 129 -26.22 -2.60 -24.84
N LYS D 130 -27.09 -3.24 -24.08
CA LYS D 130 -28.28 -2.59 -23.58
C LYS D 130 -27.74 -1.68 -22.46
N TYR D 131 -28.26 -0.46 -22.40
CA TYR D 131 -27.83 0.48 -21.37
C TYR D 131 -28.22 -0.01 -19.98
N SER D 132 -29.46 -0.51 -19.84
CA SER D 132 -29.92 -0.97 -18.55
C SER D 132 -30.68 -2.28 -18.64
N GLY D 133 -31.19 -2.74 -17.51
CA GLY D 133 -31.96 -3.97 -17.51
C GLY D 133 -33.34 -3.79 -18.11
N ALA D 134 -33.73 -2.54 -18.40
CA ALA D 134 -35.04 -2.24 -18.98
C ALA D 134 -35.27 -2.80 -20.38
N GLU D 135 -36.51 -3.12 -20.69
CA GLU D 135 -36.88 -3.68 -22.00
C GLU D 135 -36.76 -2.74 -23.20
N VAL D 136 -36.46 -1.49 -22.96
CA VAL D 136 -36.36 -0.49 -24.02
C VAL D 136 -35.14 -0.68 -24.94
N HIS D 137 -35.26 -0.24 -26.19
CA HIS D 137 -34.16 -0.34 -27.16
C HIS D 137 -33.25 0.88 -27.10
N GLU D 138 -32.51 1.00 -26.01
CA GLU D 138 -31.58 2.09 -25.81
C GLU D 138 -30.29 1.39 -25.43
N TYR D 139 -29.22 1.81 -26.09
CA TYR D 139 -27.95 1.15 -25.92
C TYR D 139 -26.82 2.05 -25.48
N LYS D 140 -25.64 1.45 -25.35
CA LYS D 140 -24.43 2.14 -24.97
C LYS D 140 -23.33 1.48 -25.79
N LEU D 141 -22.21 2.16 -25.95
CA LEU D 141 -21.08 1.61 -26.70
C LEU D 141 -19.95 1.33 -25.74
N MET D 142 -19.22 0.25 -25.96
CA MET D 142 -18.08 -0.07 -25.11
C MET D 142 -16.88 -0.28 -26.00
N SER D 143 -15.70 0.04 -25.49
CA SER D 143 -14.46 -0.17 -26.22
C SER D 143 -13.93 -1.40 -25.55
N CYS D 144 -13.68 -2.46 -26.32
CA CYS D 144 -13.21 -3.69 -25.73
C CYS D 144 -11.84 -4.12 -26.20
N GLY D 145 -10.83 -3.38 -25.77
CA GLY D 145 -9.47 -3.71 -26.13
C GLY D 145 -9.01 -4.83 -25.23
N ASP D 146 -8.20 -4.48 -24.24
CA ASP D 146 -7.69 -5.45 -23.30
C ASP D 146 -8.76 -5.80 -22.27
N TRP D 147 -9.74 -4.90 -22.13
CA TRP D 147 -10.87 -5.07 -21.21
C TRP D 147 -11.95 -4.12 -21.69
N CYS D 148 -13.20 -4.37 -21.35
CA CYS D 148 -14.29 -3.51 -21.81
C CYS D 148 -14.60 -2.31 -20.94
N GLN D 149 -14.83 -1.17 -21.58
CA GLN D 149 -15.15 0.04 -20.85
C GLN D 149 -16.17 0.90 -21.57
N ASP D 150 -17.10 1.43 -20.80
CA ASP D 150 -18.17 2.25 -21.32
C ASP D 150 -17.61 3.54 -21.89
N LEU D 151 -18.32 4.06 -22.90
CA LEU D 151 -17.94 5.29 -23.59
C LEU D 151 -18.98 6.38 -23.35
N GLY D 152 -18.50 7.60 -23.15
CA GLY D 152 -19.36 8.74 -22.95
C GLY D 152 -18.84 9.86 -23.83
N VAL D 153 -19.45 11.03 -23.72
CA VAL D 153 -19.02 12.17 -24.53
C VAL D 153 -18.59 13.28 -23.59
N PHE D 154 -17.44 13.88 -23.87
CA PHE D 154 -16.92 15.00 -23.07
C PHE D 154 -17.63 16.22 -23.66
N ARG D 155 -18.60 16.76 -22.94
CA ARG D 155 -19.37 17.90 -23.42
C ARG D 155 -18.93 19.28 -22.93
N ASP D 156 -17.70 19.39 -22.42
CA ASP D 156 -17.26 20.69 -21.95
C ASP D 156 -16.50 21.51 -22.97
N LEU D 157 -16.45 21.02 -24.20
CA LEU D 157 -15.79 21.76 -25.27
C LEU D 157 -14.29 21.95 -25.10
N LYS D 158 -13.68 21.22 -24.19
CA LYS D 158 -12.24 21.35 -24.05
C LYS D 158 -11.67 20.74 -25.32
N GLY D 159 -10.69 21.43 -25.88
CA GLY D 159 -10.07 20.93 -27.09
C GLY D 159 -10.78 21.37 -28.34
N GLY D 160 -11.93 22.03 -28.21
CA GLY D 160 -12.62 22.52 -29.39
C GLY D 160 -14.01 22.01 -29.70
N ALA D 161 -14.34 20.82 -29.24
CA ALA D 161 -15.66 20.25 -29.51
C ALA D 161 -15.97 19.14 -28.53
N TRP D 162 -17.09 18.46 -28.76
CA TRP D 162 -17.53 17.33 -27.93
C TRP D 162 -16.89 16.09 -28.53
N PHE D 163 -16.13 15.35 -27.74
CA PHE D 163 -15.48 14.16 -28.27
C PHE D 163 -15.94 12.92 -27.54
N LEU D 164 -16.04 11.80 -28.26
CA LEU D 164 -16.45 10.53 -27.66
C LEU D 164 -15.21 9.98 -26.97
N GLY D 165 -15.37 9.32 -25.83
CA GLY D 165 -14.21 8.78 -25.12
C GLY D 165 -14.55 8.00 -23.86
N ALA D 166 -13.54 7.59 -23.11
CA ALA D 166 -13.79 6.83 -21.87
C ALA D 166 -14.13 7.79 -20.75
N THR D 167 -15.42 8.03 -20.55
CA THR D 167 -15.85 8.95 -19.50
C THR D 167 -17.33 8.84 -19.13
N GLU D 168 -17.68 9.33 -17.95
CA GLU D 168 -19.07 9.40 -17.51
C GLU D 168 -19.48 10.79 -17.98
N PRO D 169 -20.77 11.01 -18.29
CA PRO D 169 -21.88 10.06 -18.24
C PRO D 169 -21.86 9.25 -19.51
N TYR D 170 -22.12 7.95 -19.41
CA TYR D 170 -22.11 7.10 -20.59
C TYR D 170 -23.21 7.57 -21.54
N HIS D 171 -22.88 7.61 -22.82
CA HIS D 171 -23.80 8.05 -23.86
C HIS D 171 -24.82 6.96 -24.09
N VAL D 172 -26.09 7.28 -23.90
CA VAL D 172 -27.16 6.31 -24.13
C VAL D 172 -27.59 6.64 -25.55
N VAL D 173 -27.39 5.68 -26.44
CA VAL D 173 -27.62 5.86 -27.85
C VAL D 173 -28.78 5.08 -28.50
N VAL D 174 -29.09 5.48 -29.73
CA VAL D 174 -30.16 4.90 -30.50
C VAL D 174 -29.68 4.87 -31.96
N PHE D 175 -30.07 3.85 -32.72
CA PHE D 175 -29.63 3.72 -34.11
C PHE D 175 -30.75 3.99 -35.11
N LYS D 176 -30.52 4.94 -36.00
CA LYS D 176 -31.51 5.32 -36.99
C LYS D 176 -31.04 5.00 -38.41
N LYS D 177 -31.90 4.35 -39.20
CA LYS D 177 -31.56 4.00 -40.58
C LYS D 177 -31.06 5.22 -41.33
N ALA D 178 -29.97 5.04 -42.08
CA ALA D 178 -29.36 6.12 -42.85
C ALA D 178 -29.27 5.72 -44.34
N PRO D 179 -29.07 6.70 -45.24
CA PRO D 179 -28.96 6.41 -46.67
C PRO D 179 -27.68 5.61 -46.94
N PRO D 180 -27.67 4.81 -48.02
CA PRO D 180 -26.50 4.00 -48.38
C PRO D 180 -25.31 4.77 -48.95
N ALA D 181 -24.50 5.34 -48.07
CA ALA D 181 -23.31 6.10 -48.51
C ALA D 181 -22.08 5.18 -48.56
CA CA E . 11.16 -20.29 6.32
CA CA F . 12.63 -39.86 18.48
CA CA G . 16.13 -23.80 3.82
CA CA H . 20.67 -15.53 11.65
CA CA I . -26.74 -2.48 -12.39
CA CA J . -15.56 -17.57 1.81
CA CA K . -21.77 -5.32 -15.92
CA CA L . -17.53 5.46 -11.70
#